data_1MM3
#
_entry.id   1MM3
#
loop_
_entity.id
_entity.type
_entity.pdbx_description
1 polymer 'Mi2-beta(Chromodomain helicase-DNA-binding protein 4) and transcription factor WSTF'
2 non-polymer 'ZINC ION'
#
_entity_poly.entity_id   1
_entity_poly.type   'polypeptide(L)'
_entity_poly.pdbx_seq_one_letter_code
;GPLGSDHHMEFCRVCKDGGELLCCDTCPSSYHIHCLRPALYEVPDGEWQCPRCTCPALKGK
;
_entity_poly.pdbx_strand_id   A
#
loop_
_chem_comp.id
_chem_comp.type
_chem_comp.name
_chem_comp.formula
ZN non-polymer 'ZINC ION' 'Zn 2'
#
# COMPACT_ATOMS: atom_id res chain seq x y z
N GLY A 1 -2.79 11.73 -14.51
CA GLY A 1 -2.67 11.00 -15.80
C GLY A 1 -4.02 10.61 -16.35
N PRO A 2 -4.12 9.47 -17.05
CA PRO A 2 -5.36 9.00 -17.66
C PRO A 2 -6.43 8.65 -16.62
N LEU A 3 -6.25 7.52 -15.95
CA LEU A 3 -7.21 7.09 -14.95
C LEU A 3 -6.90 7.75 -13.61
N GLY A 4 -7.20 9.03 -13.52
CA GLY A 4 -6.87 9.79 -12.34
C GLY A 4 -5.38 10.05 -12.24
N SER A 5 -4.83 9.88 -11.06
CA SER A 5 -3.40 10.02 -10.87
C SER A 5 -2.72 8.66 -10.89
N ASP A 6 -3.55 7.61 -10.92
CA ASP A 6 -3.10 6.21 -10.86
C ASP A 6 -2.55 5.87 -9.48
N HIS A 7 -1.53 6.62 -9.06
CA HIS A 7 -0.97 6.45 -7.74
C HIS A 7 -1.80 7.17 -6.69
N HIS A 8 -3.03 6.72 -6.53
CA HIS A 8 -3.95 7.28 -5.56
C HIS A 8 -5.21 6.42 -5.52
N MET A 9 -5.33 5.62 -4.48
CA MET A 9 -6.46 4.70 -4.38
C MET A 9 -6.71 4.32 -2.93
N GLU A 10 -7.97 4.29 -2.57
CA GLU A 10 -8.40 3.91 -1.23
C GLU A 10 -8.65 2.41 -1.18
N PHE A 11 -7.95 1.67 -2.04
CA PHE A 11 -8.09 0.23 -2.12
C PHE A 11 -6.78 -0.40 -2.57
N CYS A 12 -6.75 -1.73 -2.57
CA CYS A 12 -5.53 -2.46 -2.90
C CYS A 12 -5.17 -2.34 -4.37
N ARG A 13 -3.91 -2.01 -4.62
CA ARG A 13 -3.39 -1.88 -5.98
C ARG A 13 -3.61 -3.16 -6.79
N VAL A 14 -3.36 -4.29 -6.14
CA VAL A 14 -3.39 -5.60 -6.80
C VAL A 14 -4.72 -6.32 -6.57
N CYS A 15 -5.06 -6.47 -5.30
CA CYS A 15 -6.19 -7.26 -4.85
C CYS A 15 -7.46 -6.44 -4.66
N LYS A 16 -7.54 -5.31 -5.38
CA LYS A 16 -8.75 -4.50 -5.50
C LYS A 16 -9.64 -4.55 -4.25
N ASP A 17 -9.13 -4.03 -3.15
CA ASP A 17 -9.85 -4.08 -1.88
C ASP A 17 -10.94 -3.03 -1.83
N GLY A 18 -11.53 -2.83 -0.65
CA GLY A 18 -12.58 -1.83 -0.52
C GLY A 18 -12.92 -1.51 0.93
N GLY A 19 -12.89 -2.52 1.78
CA GLY A 19 -13.24 -2.33 3.18
C GLY A 19 -12.02 -2.07 4.05
N GLU A 20 -11.53 -3.11 4.72
CA GLU A 20 -10.35 -2.99 5.58
C GLU A 20 -9.11 -2.74 4.73
N LEU A 21 -8.37 -1.69 5.05
CA LEU A 21 -7.22 -1.30 4.26
C LEU A 21 -6.07 -0.81 5.15
N LEU A 22 -4.86 -1.19 4.78
CA LEU A 22 -3.65 -0.73 5.46
C LEU A 22 -2.79 0.05 4.48
N CYS A 23 -2.61 1.34 4.76
CA CYS A 23 -1.95 2.24 3.82
C CYS A 23 -0.61 2.72 4.37
N CYS A 24 0.23 3.27 3.49
CA CYS A 24 1.53 3.76 3.89
C CYS A 24 1.42 5.07 4.66
N ASP A 25 2.56 5.65 5.00
CA ASP A 25 2.61 6.96 5.65
C ASP A 25 3.26 7.97 4.72
N THR A 26 3.28 7.62 3.45
CA THR A 26 3.97 8.43 2.45
C THR A 26 3.07 8.67 1.23
N CYS A 27 2.59 7.59 0.65
CA CYS A 27 1.79 7.66 -0.57
C CYS A 27 0.34 7.27 -0.28
N PRO A 28 -0.59 7.63 -1.19
CA PRO A 28 -2.00 7.36 -1.02
C PRO A 28 -2.44 6.02 -1.61
N SER A 29 -1.81 4.94 -1.18
CA SER A 29 -2.18 3.61 -1.62
C SER A 29 -2.52 2.73 -0.43
N SER A 30 -3.41 1.78 -0.61
CA SER A 30 -3.85 0.93 0.47
C SER A 30 -3.67 -0.55 0.10
N TYR A 31 -3.32 -1.37 1.09
CA TYR A 31 -3.06 -2.78 0.85
C TYR A 31 -3.67 -3.65 1.96
N HIS A 32 -3.43 -4.96 1.85
CA HIS A 32 -3.72 -5.91 2.91
C HIS A 32 -2.55 -5.88 3.87
N ILE A 33 -1.93 -7.03 4.08
CA ILE A 33 -0.66 -7.12 4.77
C ILE A 33 0.32 -8.01 3.98
N HIS A 34 -0.06 -8.41 2.77
CA HIS A 34 0.74 -9.36 1.99
C HIS A 34 0.55 -9.21 0.48
N CYS A 35 0.11 -8.03 0.05
CA CYS A 35 -0.12 -7.78 -1.37
C CYS A 35 1.19 -7.57 -2.11
N LEU A 36 2.23 -7.24 -1.36
CA LEU A 36 3.55 -6.99 -1.92
C LEU A 36 4.44 -8.20 -1.72
N ARG A 37 5.63 -8.18 -2.32
CA ARG A 37 6.58 -9.27 -2.17
C ARG A 37 7.01 -9.45 -0.71
N PRO A 38 7.44 -8.37 -0.01
CA PRO A 38 7.76 -8.46 1.43
C PRO A 38 6.48 -8.59 2.26
N ALA A 39 5.85 -9.74 2.13
CA ALA A 39 4.54 -9.98 2.71
C ALA A 39 4.63 -10.32 4.18
N LEU A 40 3.60 -9.94 4.92
CA LEU A 40 3.48 -10.26 6.33
C LEU A 40 2.26 -11.14 6.56
N TYR A 41 2.31 -11.98 7.57
CA TYR A 41 1.15 -12.76 7.96
C TYR A 41 0.59 -12.20 9.25
N GLU A 42 1.34 -11.28 9.82
CA GLU A 42 0.95 -10.60 11.03
C GLU A 42 0.50 -9.17 10.70
N VAL A 43 -0.39 -8.63 11.50
CA VAL A 43 -0.85 -7.27 11.31
C VAL A 43 0.10 -6.29 12.00
N PRO A 44 0.75 -5.41 11.23
CA PRO A 44 1.70 -4.45 11.78
C PRO A 44 0.99 -3.36 12.58
N ASP A 45 0.98 -3.53 13.89
CA ASP A 45 0.25 -2.64 14.78
C ASP A 45 0.94 -1.29 14.93
N GLY A 46 2.22 -1.25 14.60
CA GLY A 46 2.96 -0.01 14.69
C GLY A 46 3.07 0.70 13.36
N GLU A 47 4.19 0.48 12.67
CA GLU A 47 4.43 1.12 11.38
C GLU A 47 4.41 0.09 10.25
N TRP A 48 4.33 0.59 9.03
CA TRP A 48 4.32 -0.25 7.85
C TRP A 48 4.43 0.61 6.60
N GLN A 49 5.22 0.17 5.64
CA GLN A 49 5.35 0.89 4.38
C GLN A 49 5.42 -0.07 3.20
N CYS A 50 5.18 0.50 2.03
CA CYS A 50 5.16 -0.24 0.79
C CYS A 50 6.57 -0.68 0.38
N PRO A 51 6.67 -1.64 -0.56
CA PRO A 51 7.96 -2.01 -1.14
C PRO A 51 8.51 -0.86 -1.97
N ARG A 52 7.63 -0.31 -2.78
CA ARG A 52 7.90 0.89 -3.55
C ARG A 52 6.59 1.40 -4.11
N CYS A 53 5.49 0.95 -3.49
CA CYS A 53 4.13 1.23 -3.94
C CYS A 53 4.00 0.93 -5.44
N THR A 54 4.63 -0.16 -5.86
CA THR A 54 4.64 -0.55 -7.26
C THR A 54 5.08 -2.02 -7.37
N CYS A 55 5.51 -2.43 -8.55
CA CYS A 55 5.98 -3.79 -8.77
C CYS A 55 7.12 -4.13 -7.79
N PRO A 56 6.91 -5.13 -6.93
CA PRO A 56 7.86 -5.46 -5.87
C PRO A 56 9.05 -6.29 -6.34
N ALA A 57 9.67 -5.88 -7.44
CA ALA A 57 10.86 -6.53 -7.94
C ALA A 57 12.10 -5.82 -7.45
N LEU A 58 11.92 -4.57 -7.04
CA LEU A 58 13.02 -3.77 -6.53
C LEU A 58 13.20 -4.00 -5.03
N LYS A 59 14.26 -3.44 -4.48
CA LYS A 59 14.51 -3.55 -3.05
C LYS A 59 13.77 -2.47 -2.29
N GLY A 60 12.79 -2.89 -1.50
CA GLY A 60 12.04 -1.95 -0.70
C GLY A 60 12.70 -1.72 0.65
N LYS A 61 13.33 -2.77 1.16
CA LYS A 61 14.02 -2.69 2.43
C LYS A 61 15.40 -3.33 2.33
ZN ZN B . 3.15 3.68 -0.55
ZN ZN C . -4.28 -6.37 -0.85
N GLY A 1 0.15 13.46 -14.09
CA GLY A 1 0.89 13.35 -15.37
C GLY A 1 0.49 12.10 -16.13
N PRO A 2 1.46 11.44 -16.80
CA PRO A 2 1.20 10.23 -17.60
C PRO A 2 0.62 9.10 -16.75
N LEU A 3 1.39 8.65 -15.77
CA LEU A 3 0.95 7.61 -14.87
C LEU A 3 1.05 8.10 -13.43
N GLY A 4 0.26 7.51 -12.55
CA GLY A 4 0.26 7.93 -11.16
C GLY A 4 -0.95 8.76 -10.83
N SER A 5 -1.80 9.01 -11.82
CA SER A 5 -3.02 9.75 -11.60
C SER A 5 -4.02 8.90 -10.82
N ASP A 6 -3.74 7.61 -10.80
CA ASP A 6 -4.52 6.66 -10.02
C ASP A 6 -3.64 6.08 -8.92
N HIS A 7 -3.12 6.96 -8.07
CA HIS A 7 -2.21 6.56 -7.01
C HIS A 7 -2.96 6.34 -5.71
N HIS A 8 -3.85 7.28 -5.39
CA HIS A 8 -4.66 7.18 -4.19
C HIS A 8 -5.85 6.25 -4.43
N MET A 9 -6.12 5.40 -3.45
CA MET A 9 -7.21 4.43 -3.57
C MET A 9 -7.51 3.79 -2.21
N GLU A 10 -8.80 3.58 -1.96
CA GLU A 10 -9.25 2.97 -0.72
C GLU A 10 -9.08 1.47 -0.78
N PHE A 11 -8.93 0.96 -1.99
CA PHE A 11 -8.65 -0.45 -2.21
C PHE A 11 -7.15 -0.65 -2.35
N CYS A 12 -6.74 -1.88 -2.56
CA CYS A 12 -5.33 -2.20 -2.61
C CYS A 12 -4.80 -2.15 -4.03
N ARG A 13 -3.52 -1.84 -4.16
CA ARG A 13 -2.91 -1.62 -5.47
C ARG A 13 -2.77 -2.92 -6.27
N VAL A 14 -2.36 -3.98 -5.59
CA VAL A 14 -2.11 -5.26 -6.27
C VAL A 14 -3.40 -6.06 -6.42
N CYS A 15 -3.83 -6.73 -5.36
CA CYS A 15 -5.10 -7.40 -5.37
C CYS A 15 -6.22 -6.44 -5.02
N LYS A 16 -6.49 -5.55 -5.99
CA LYS A 16 -7.39 -4.40 -5.87
C LYS A 16 -8.72 -4.76 -5.24
N ASP A 17 -8.65 -5.06 -3.97
CA ASP A 17 -9.79 -5.48 -3.19
C ASP A 17 -9.91 -4.62 -1.95
N GLY A 18 -10.98 -4.81 -1.21
CA GLY A 18 -11.18 -4.09 0.02
C GLY A 18 -10.84 -4.94 1.22
N GLY A 19 -11.74 -4.99 2.19
CA GLY A 19 -11.51 -5.78 3.38
C GLY A 19 -10.61 -5.04 4.36
N GLU A 20 -9.75 -5.78 5.04
CA GLU A 20 -8.84 -5.19 6.00
C GLU A 20 -7.62 -4.62 5.26
N LEU A 21 -7.53 -3.31 5.22
CA LEU A 21 -6.45 -2.65 4.48
C LEU A 21 -5.65 -1.73 5.37
N LEU A 22 -4.36 -1.67 5.12
CA LEU A 22 -3.47 -0.76 5.81
C LEU A 22 -2.85 0.19 4.79
N CYS A 23 -2.44 1.38 5.25
CA CYS A 23 -1.90 2.38 4.34
C CYS A 23 -0.50 2.80 4.77
N CYS A 24 0.31 3.25 3.80
CA CYS A 24 1.68 3.62 4.08
C CYS A 24 1.77 4.97 4.79
N ASP A 25 2.99 5.47 4.91
CA ASP A 25 3.25 6.72 5.59
C ASP A 25 3.18 7.90 4.61
N THR A 26 3.50 7.63 3.36
CA THR A 26 3.62 8.69 2.38
C THR A 26 2.39 8.78 1.49
N CYS A 27 2.10 7.68 0.81
CA CYS A 27 1.08 7.65 -0.21
C CYS A 27 -0.28 7.27 0.35
N PRO A 28 -1.36 7.65 -0.34
CA PRO A 28 -2.73 7.37 0.07
C PRO A 28 -3.22 6.03 -0.48
N SER A 29 -2.30 5.09 -0.64
CA SER A 29 -2.63 3.77 -1.14
C SER A 29 -2.94 2.83 0.02
N SER A 30 -3.81 1.87 -0.22
CA SER A 30 -4.16 0.89 0.78
C SER A 30 -3.71 -0.50 0.32
N TYR A 31 -3.33 -1.33 1.27
CA TYR A 31 -2.78 -2.65 0.96
C TYR A 31 -3.38 -3.71 1.88
N HIS A 32 -3.20 -4.95 1.49
CA HIS A 32 -3.47 -6.07 2.37
C HIS A 32 -2.15 -6.45 3.02
N ILE A 33 -2.06 -7.63 3.61
CA ILE A 33 -0.79 -8.08 4.15
C ILE A 33 -0.19 -9.19 3.30
N HIS A 34 -0.61 -9.27 2.04
CA HIS A 34 -0.10 -10.29 1.12
C HIS A 34 0.00 -9.79 -0.32
N CYS A 35 -0.12 -8.49 -0.52
CA CYS A 35 -0.05 -7.92 -1.86
C CYS A 35 1.40 -7.81 -2.34
N LEU A 36 2.31 -7.72 -1.39
CA LEU A 36 3.72 -7.57 -1.71
C LEU A 36 4.42 -8.92 -1.73
N ARG A 37 5.73 -8.91 -1.99
CA ARG A 37 6.51 -10.14 -2.00
C ARG A 37 6.61 -10.75 -0.59
N PRO A 38 7.08 -10.01 0.43
CA PRO A 38 7.15 -10.50 1.80
C PRO A 38 5.78 -10.48 2.45
N ALA A 39 5.16 -11.65 2.55
CA ALA A 39 3.82 -11.76 3.11
C ALA A 39 3.86 -11.53 4.61
N LEU A 40 2.98 -10.66 5.08
CA LEU A 40 2.89 -10.33 6.49
C LEU A 40 1.83 -11.22 7.15
N TYR A 41 2.13 -11.69 8.35
CA TYR A 41 1.19 -12.52 9.08
C TYR A 41 0.48 -11.68 10.14
N GLU A 42 0.87 -10.42 10.22
CA GLU A 42 0.26 -9.46 11.12
C GLU A 42 0.31 -8.07 10.51
N VAL A 43 -0.79 -7.35 10.62
CA VAL A 43 -0.91 -6.02 10.01
C VAL A 43 0.00 -5.01 10.69
N PRO A 44 0.93 -4.41 9.93
CA PRO A 44 1.90 -3.45 10.45
C PRO A 44 1.34 -2.03 10.52
N ASP A 45 0.71 -1.70 11.64
CA ASP A 45 0.15 -0.38 11.83
C ASP A 45 1.09 0.47 12.68
N GLY A 46 1.90 1.29 12.02
CA GLY A 46 2.85 2.11 12.73
C GLY A 46 3.93 2.64 11.81
N GLU A 47 5.11 2.07 11.90
CA GLU A 47 6.22 2.46 11.06
C GLU A 47 6.41 1.44 9.93
N TRP A 48 5.73 1.67 8.83
CA TRP A 48 5.78 0.77 7.68
C TRP A 48 5.73 1.58 6.39
N GLN A 49 6.56 1.21 5.43
CA GLN A 49 6.53 1.84 4.12
C GLN A 49 6.45 0.79 3.03
N CYS A 50 6.08 1.25 1.85
CA CYS A 50 5.72 0.37 0.76
C CYS A 50 6.90 0.01 -0.12
N PRO A 51 6.76 -1.08 -0.88
CA PRO A 51 7.73 -1.47 -1.88
C PRO A 51 7.21 -1.13 -3.28
N ARG A 52 6.23 -0.23 -3.36
CA ARG A 52 5.52 0.01 -4.62
C ARG A 52 5.26 1.49 -4.88
N CYS A 53 4.34 2.11 -4.12
CA CYS A 53 3.92 3.47 -4.43
C CYS A 53 5.01 4.49 -4.14
N THR A 54 6.00 4.08 -3.38
CA THR A 54 7.10 4.94 -3.02
C THR A 54 8.11 5.04 -4.17
N CYS A 55 8.05 6.13 -4.91
CA CYS A 55 8.91 6.33 -6.07
C CYS A 55 9.70 7.62 -5.91
N PRO A 56 10.89 7.70 -6.53
CA PRO A 56 11.75 8.89 -6.42
C PRO A 56 11.16 10.09 -7.17
N ALA A 57 10.27 9.82 -8.12
CA ALA A 57 9.66 10.86 -8.93
C ALA A 57 8.37 11.36 -8.30
N LEU A 58 7.97 10.75 -7.19
CA LEU A 58 6.78 11.15 -6.47
C LEU A 58 6.89 10.78 -5.00
N LYS A 59 7.21 11.76 -4.19
CA LYS A 59 7.40 11.55 -2.76
C LYS A 59 6.13 11.87 -1.99
N GLY A 60 6.08 11.47 -0.73
CA GLY A 60 4.95 11.78 0.12
C GLY A 60 5.22 13.04 0.92
N LYS A 61 6.48 13.23 1.26
CA LYS A 61 6.90 14.43 1.96
C LYS A 61 8.34 14.77 1.60
ZN ZN B . 2.89 3.76 -0.44
ZN ZN C . -4.04 -6.64 -1.78
N GLY A 1 -10.14 5.49 -4.13
CA GLY A 1 -9.62 5.29 -5.51
C GLY A 1 -10.62 5.77 -6.55
N PRO A 2 -11.30 4.83 -7.23
CA PRO A 2 -12.30 5.16 -8.25
C PRO A 2 -13.60 5.68 -7.65
N LEU A 3 -13.52 6.86 -7.04
CA LEU A 3 -14.67 7.48 -6.41
C LEU A 3 -14.59 8.98 -6.56
N GLY A 4 -14.17 9.41 -7.75
CA GLY A 4 -13.98 10.82 -8.02
C GLY A 4 -12.62 11.30 -7.54
N SER A 5 -12.57 12.51 -7.01
CA SER A 5 -11.34 13.07 -6.46
C SER A 5 -11.03 12.43 -5.11
N ASP A 6 -10.32 11.32 -5.14
CA ASP A 6 -10.00 10.58 -3.93
C ASP A 6 -8.52 10.60 -3.64
N HIS A 7 -8.14 10.23 -2.43
CA HIS A 7 -6.75 10.17 -2.04
C HIS A 7 -6.26 8.74 -2.08
N HIS A 8 -6.57 7.97 -1.05
CA HIS A 8 -6.22 6.56 -1.01
C HIS A 8 -7.33 5.71 -1.62
N MET A 9 -7.17 4.40 -1.59
CA MET A 9 -8.15 3.51 -2.16
C MET A 9 -8.96 2.82 -1.08
N GLU A 10 -10.18 2.43 -1.42
CA GLU A 10 -11.05 1.69 -0.51
C GLU A 10 -10.71 0.21 -0.57
N PHE A 11 -9.68 -0.10 -1.33
CA PHE A 11 -9.24 -1.46 -1.56
C PHE A 11 -7.74 -1.48 -1.75
N CYS A 12 -7.16 -2.67 -1.78
CA CYS A 12 -5.76 -2.80 -2.08
C CYS A 12 -5.56 -2.87 -3.58
N ARG A 13 -4.75 -1.95 -4.13
CA ARG A 13 -4.60 -1.82 -5.58
C ARG A 13 -4.02 -3.08 -6.22
N VAL A 14 -3.55 -4.01 -5.40
CA VAL A 14 -2.96 -5.24 -5.92
C VAL A 14 -4.03 -6.24 -6.34
N CYS A 15 -4.75 -6.79 -5.36
CA CYS A 15 -5.77 -7.80 -5.64
C CYS A 15 -7.13 -7.15 -5.90
N LYS A 16 -7.18 -5.82 -5.78
CA LYS A 16 -8.41 -5.05 -6.01
C LYS A 16 -9.45 -5.34 -4.93
N ASP A 17 -9.04 -6.03 -3.88
CA ASP A 17 -9.94 -6.34 -2.77
C ASP A 17 -9.76 -5.37 -1.62
N GLY A 18 -10.84 -5.14 -0.88
CA GLY A 18 -10.77 -4.30 0.29
C GLY A 18 -10.61 -5.11 1.56
N GLY A 19 -10.96 -4.51 2.69
CA GLY A 19 -10.86 -5.20 3.96
C GLY A 19 -9.88 -4.53 4.89
N GLU A 20 -8.95 -5.32 5.44
CA GLU A 20 -7.91 -4.79 6.30
C GLU A 20 -6.75 -4.30 5.47
N LEU A 21 -6.75 -3.02 5.19
CA LEU A 21 -5.74 -2.42 4.33
C LEU A 21 -4.74 -1.62 5.14
N LEU A 22 -3.52 -1.59 4.65
CA LEU A 22 -2.47 -0.78 5.24
C LEU A 22 -2.32 0.50 4.43
N CYS A 23 -2.38 1.63 5.11
CA CYS A 23 -2.23 2.91 4.46
C CYS A 23 -0.75 3.30 4.44
N CYS A 24 -0.32 3.84 3.31
CA CYS A 24 1.07 4.24 3.12
C CYS A 24 1.55 5.17 4.23
N ASP A 25 2.86 5.30 4.34
CA ASP A 25 3.47 6.23 5.28
C ASP A 25 3.64 7.61 4.63
N THR A 26 3.32 7.69 3.34
CA THR A 26 3.47 8.95 2.62
C THR A 26 2.52 9.01 1.41
N CYS A 27 2.56 7.97 0.58
CA CYS A 27 1.78 7.94 -0.65
C CYS A 27 0.29 7.66 -0.37
N PRO A 28 -0.57 7.82 -1.38
CA PRO A 28 -2.01 7.67 -1.22
C PRO A 28 -2.51 6.29 -1.66
N SER A 29 -1.82 5.25 -1.25
CA SER A 29 -2.18 3.89 -1.67
C SER A 29 -2.61 3.04 -0.47
N SER A 30 -3.35 1.98 -0.76
CA SER A 30 -3.78 1.04 0.25
C SER A 30 -3.41 -0.39 -0.17
N TYR A 31 -2.77 -1.12 0.72
CA TYR A 31 -2.29 -2.46 0.39
C TYR A 31 -2.80 -3.48 1.39
N HIS A 32 -2.69 -4.75 1.03
CA HIS A 32 -2.90 -5.83 1.97
C HIS A 32 -1.54 -6.30 2.45
N ILE A 33 -1.47 -6.84 3.65
CA ILE A 33 -0.20 -7.31 4.20
C ILE A 33 0.43 -8.38 3.32
N HIS A 34 -0.40 -9.26 2.77
CA HIS A 34 0.10 -10.36 1.96
C HIS A 34 -0.10 -10.11 0.46
N CYS A 35 -0.38 -8.87 0.10
CA CYS A 35 -0.55 -8.52 -1.31
C CYS A 35 0.69 -7.78 -1.83
N LEU A 36 1.68 -7.64 -0.97
CA LEU A 36 2.96 -7.10 -1.38
C LEU A 36 3.92 -8.24 -1.68
N ARG A 37 5.05 -7.93 -2.31
CA ARG A 37 6.04 -8.95 -2.61
C ARG A 37 6.59 -9.58 -1.32
N PRO A 38 7.10 -8.76 -0.36
CA PRO A 38 7.49 -9.25 0.95
C PRO A 38 6.26 -9.43 1.85
N ALA A 39 5.40 -10.34 1.43
CA ALA A 39 4.10 -10.56 2.07
C ALA A 39 4.23 -10.78 3.57
N LEU A 40 3.36 -10.13 4.32
CA LEU A 40 3.30 -10.29 5.76
C LEU A 40 2.00 -10.99 6.15
N TYR A 41 2.03 -11.71 7.26
CA TYR A 41 0.85 -12.43 7.73
C TYR A 41 0.31 -11.77 8.99
N GLU A 42 1.00 -10.73 9.43
CA GLU A 42 0.60 -9.98 10.61
C GLU A 42 0.52 -8.50 10.29
N VAL A 43 -0.45 -7.83 10.90
CA VAL A 43 -0.63 -6.40 10.68
C VAL A 43 0.36 -5.61 11.53
N PRO A 44 0.97 -4.56 10.96
CA PRO A 44 1.98 -3.75 11.65
C PRO A 44 1.38 -2.98 12.84
N ASP A 45 2.23 -2.60 13.78
CA ASP A 45 1.79 -1.87 14.96
C ASP A 45 1.47 -0.42 14.61
N GLY A 46 2.33 0.19 13.81
CA GLY A 46 2.12 1.56 13.41
C GLY A 46 3.17 2.04 12.42
N GLU A 47 4.43 1.81 12.74
CA GLU A 47 5.54 2.25 11.90
C GLU A 47 5.70 1.34 10.68
N TRP A 48 4.88 1.56 9.67
CA TRP A 48 4.93 0.78 8.44
C TRP A 48 5.43 1.62 7.28
N GLN A 49 6.15 0.99 6.38
CA GLN A 49 6.62 1.63 5.17
C GLN A 49 6.36 0.69 4.00
N CYS A 50 5.82 1.25 2.92
CA CYS A 50 5.39 0.43 1.81
C CYS A 50 6.55 -0.09 0.98
N PRO A 51 6.72 -1.41 0.92
CA PRO A 51 7.71 -2.05 0.07
C PRO A 51 7.24 -2.14 -1.37
N ARG A 52 6.57 -1.09 -1.83
CA ARG A 52 5.98 -1.07 -3.16
C ARG A 52 6.26 0.26 -3.85
N CYS A 53 5.63 1.32 -3.37
CA CYS A 53 5.78 2.64 -3.97
C CYS A 53 7.16 3.22 -3.70
N THR A 54 7.69 2.96 -2.51
CA THR A 54 8.99 3.47 -2.13
C THR A 54 10.00 2.33 -2.06
N CYS A 55 11.27 2.66 -1.81
CA CYS A 55 12.33 1.67 -1.76
C CYS A 55 12.33 0.96 -0.41
N PRO A 56 12.14 -0.38 -0.42
CA PRO A 56 12.13 -1.19 0.79
C PRO A 56 13.53 -1.39 1.36
N ALA A 57 14.09 -0.32 1.90
CA ALA A 57 15.45 -0.37 2.43
C ALA A 57 15.45 -0.41 3.95
N LEU A 58 14.27 -0.64 4.53
CA LEU A 58 14.14 -0.72 5.97
C LEU A 58 12.90 -1.53 6.33
N LYS A 59 12.63 -1.63 7.64
CA LYS A 59 11.48 -2.38 8.17
C LYS A 59 11.68 -3.89 8.03
N GLY A 60 11.62 -4.39 6.81
CA GLY A 60 11.78 -5.81 6.61
C GLY A 60 12.34 -6.14 5.24
N LYS A 61 13.66 -6.14 5.14
CA LYS A 61 14.33 -6.49 3.90
C LYS A 61 15.24 -7.69 4.11
ZN ZN B . 3.32 3.93 -0.45
ZN ZN C . -5.16 -7.29 -1.62
N GLY A 1 1.71 3.24 -20.25
CA GLY A 1 3.06 3.46 -19.66
C GLY A 1 3.25 2.65 -18.39
N PRO A 2 4.48 2.52 -17.90
CA PRO A 2 4.78 1.77 -16.68
C PRO A 2 4.22 2.46 -15.45
N LEU A 3 4.06 3.77 -15.53
CA LEU A 3 3.51 4.54 -14.42
C LEU A 3 2.06 4.94 -14.70
N GLY A 4 1.24 4.87 -13.68
CA GLY A 4 -0.15 5.28 -13.81
C GLY A 4 -0.59 6.08 -12.61
N SER A 5 -1.80 6.59 -12.66
CA SER A 5 -2.35 7.38 -11.56
C SER A 5 -2.87 6.46 -10.46
N ASP A 6 -1.98 5.62 -9.95
CA ASP A 6 -2.32 4.68 -8.89
C ASP A 6 -2.11 5.33 -7.53
N HIS A 7 -2.92 6.33 -7.24
CA HIS A 7 -2.80 7.09 -5.99
C HIS A 7 -4.02 6.87 -5.11
N HIS A 8 -5.19 7.13 -5.68
CA HIS A 8 -6.45 6.98 -4.96
C HIS A 8 -7.12 5.67 -5.32
N MET A 9 -7.39 4.84 -4.32
CA MET A 9 -8.13 3.60 -4.51
C MET A 9 -8.61 3.06 -3.17
N GLU A 10 -9.90 2.77 -3.09
CA GLU A 10 -10.50 2.24 -1.87
C GLU A 10 -10.37 0.72 -1.84
N PHE A 11 -9.21 0.24 -2.23
CA PHE A 11 -8.93 -1.19 -2.30
C PHE A 11 -7.44 -1.39 -2.50
N CYS A 12 -6.97 -2.60 -2.28
CA CYS A 12 -5.58 -2.92 -2.51
C CYS A 12 -5.37 -3.14 -4.01
N ARG A 13 -4.45 -2.37 -4.59
CA ARG A 13 -4.29 -2.34 -6.04
C ARG A 13 -3.66 -3.63 -6.60
N VAL A 14 -3.69 -4.69 -5.81
CA VAL A 14 -3.21 -5.99 -6.26
C VAL A 14 -4.39 -6.90 -6.60
N CYS A 15 -5.12 -7.32 -5.56
CA CYS A 15 -6.23 -8.25 -5.72
C CYS A 15 -7.54 -7.51 -5.98
N LYS A 16 -7.50 -6.18 -5.87
CA LYS A 16 -8.67 -5.32 -6.08
C LYS A 16 -9.66 -5.38 -4.91
N ASP A 17 -9.31 -6.15 -3.89
CA ASP A 17 -10.14 -6.22 -2.69
C ASP A 17 -9.80 -5.07 -1.76
N GLY A 18 -10.78 -4.54 -1.05
CA GLY A 18 -10.54 -3.40 -0.20
C GLY A 18 -11.33 -3.42 1.09
N GLY A 19 -11.23 -4.51 1.84
CA GLY A 19 -11.87 -4.59 3.13
C GLY A 19 -11.11 -3.82 4.18
N GLU A 20 -9.92 -4.30 4.52
CA GLU A 20 -9.05 -3.62 5.47
C GLU A 20 -7.74 -3.22 4.78
N LEU A 21 -7.62 -1.94 4.47
CA LEU A 21 -6.48 -1.46 3.71
C LEU A 21 -5.42 -0.85 4.61
N LEU A 22 -4.24 -1.46 4.59
CA LEU A 22 -3.09 -0.91 5.27
C LEU A 22 -2.33 0.01 4.32
N CYS A 23 -1.87 1.14 4.83
CA CYS A 23 -1.17 2.13 4.00
C CYS A 23 0.14 2.54 4.67
N CYS A 24 1.06 3.07 3.87
CA CYS A 24 2.37 3.45 4.35
C CYS A 24 2.35 4.82 5.04
N ASP A 25 3.52 5.45 5.06
CA ASP A 25 3.66 6.77 5.65
C ASP A 25 3.66 7.84 4.57
N THR A 26 4.30 7.51 3.46
CA THR A 26 4.61 8.50 2.44
C THR A 26 3.57 8.53 1.31
N CYS A 27 2.82 7.46 1.15
CA CYS A 27 1.78 7.41 0.14
C CYS A 27 0.47 6.84 0.69
N PRO A 28 -0.66 7.11 0.02
CA PRO A 28 -1.95 6.56 0.41
C PRO A 28 -2.18 5.18 -0.23
N SER A 29 -1.10 4.44 -0.38
CA SER A 29 -1.14 3.14 -1.03
C SER A 29 -1.90 2.12 -0.19
N SER A 30 -3.15 1.89 -0.57
CA SER A 30 -3.99 0.96 0.13
C SER A 30 -3.66 -0.48 -0.27
N TYR A 31 -3.18 -1.26 0.68
CA TYR A 31 -2.72 -2.60 0.39
C TYR A 31 -3.25 -3.60 1.39
N HIS A 32 -3.03 -4.87 1.09
CA HIS A 32 -3.33 -5.95 2.02
C HIS A 32 -2.01 -6.50 2.55
N ILE A 33 -2.04 -7.07 3.74
CA ILE A 33 -0.82 -7.58 4.36
C ILE A 33 -0.25 -8.78 3.60
N HIS A 34 -1.10 -9.44 2.83
CA HIS A 34 -0.71 -10.67 2.14
C HIS A 34 -0.70 -10.49 0.61
N CYS A 35 -0.95 -9.27 0.15
CA CYS A 35 -1.01 -9.03 -1.29
C CYS A 35 0.27 -8.39 -1.82
N LEU A 36 1.28 -8.33 -0.96
CA LEU A 36 2.59 -7.84 -1.37
C LEU A 36 3.59 -8.99 -1.43
N ARG A 37 4.73 -8.73 -2.05
CA ARG A 37 5.81 -9.71 -2.08
C ARG A 37 6.42 -9.85 -0.69
N PRO A 38 6.87 -8.74 -0.04
CA PRO A 38 7.31 -8.75 1.35
C PRO A 38 6.12 -8.78 2.29
N ALA A 39 5.33 -9.84 2.18
CA ALA A 39 4.07 -9.95 2.89
C ALA A 39 4.28 -10.05 4.39
N LEU A 40 3.29 -9.60 5.14
CA LEU A 40 3.31 -9.66 6.59
C LEU A 40 2.28 -10.66 7.07
N TYR A 41 2.57 -11.33 8.17
CA TYR A 41 1.68 -12.33 8.71
C TYR A 41 0.75 -11.74 9.76
N GLU A 42 0.92 -10.45 10.00
CA GLU A 42 0.01 -9.70 10.86
C GLU A 42 -0.26 -8.33 10.24
N VAL A 43 -1.25 -7.63 10.76
CA VAL A 43 -1.59 -6.33 10.22
C VAL A 43 -0.81 -5.22 10.92
N PRO A 44 -0.01 -4.47 10.16
CA PRO A 44 0.84 -3.42 10.69
C PRO A 44 0.04 -2.15 11.00
N ASP A 45 -0.14 -1.87 12.28
CA ASP A 45 -0.89 -0.71 12.71
C ASP A 45 0.05 0.37 13.22
N GLY A 46 1.35 0.14 13.03
CA GLY A 46 2.34 1.09 13.49
C GLY A 46 3.02 1.81 12.34
N GLU A 47 4.12 1.25 11.86
CA GLU A 47 4.85 1.85 10.76
C GLU A 47 5.00 0.85 9.62
N TRP A 48 4.92 1.35 8.39
CA TRP A 48 5.02 0.51 7.21
C TRP A 48 5.46 1.33 6.00
N GLN A 49 6.07 0.65 5.03
CA GLN A 49 6.54 1.29 3.81
C GLN A 49 6.18 0.43 2.60
N CYS A 50 5.46 1.01 1.65
CA CYS A 50 5.08 0.29 0.44
C CYS A 50 6.24 0.25 -0.55
N PRO A 51 6.19 -0.66 -1.54
CA PRO A 51 7.23 -0.76 -2.57
C PRO A 51 7.15 0.40 -3.57
N ARG A 52 6.24 1.32 -3.31
CA ARG A 52 6.04 2.47 -4.20
C ARG A 52 6.36 3.78 -3.46
N CYS A 53 6.77 3.66 -2.20
CA CYS A 53 7.14 4.81 -1.38
C CYS A 53 8.30 5.58 -2.03
N THR A 54 9.23 4.81 -2.59
CA THR A 54 10.43 5.40 -3.18
C THR A 54 10.28 5.59 -4.69
N CYS A 55 9.06 5.50 -5.17
CA CYS A 55 8.78 5.68 -6.58
C CYS A 55 8.06 7.02 -6.80
N PRO A 56 8.82 8.05 -7.22
CA PRO A 56 8.27 9.38 -7.45
C PRO A 56 7.68 9.52 -8.85
N ALA A 57 7.91 10.67 -9.48
CA ALA A 57 7.38 10.97 -10.81
C ALA A 57 5.86 10.96 -10.80
N LEU A 58 5.28 11.42 -9.70
CA LEU A 58 3.83 11.45 -9.55
C LEU A 58 3.25 12.73 -10.13
N LYS A 59 4.15 13.71 -10.37
CA LYS A 59 3.78 14.99 -10.93
C LYS A 59 2.69 15.67 -10.11
N GLY A 60 2.92 15.76 -8.80
CA GLY A 60 1.98 16.44 -7.91
C GLY A 60 2.12 17.94 -8.00
N LYS A 61 1.84 18.48 -9.17
CA LYS A 61 1.95 19.90 -9.42
C LYS A 61 0.95 20.33 -10.49
ZN ZN B . 4.23 4.15 0.10
ZN ZN C . -5.52 -7.45 -1.69
N GLY A 1 -4.77 3.02 -21.04
CA GLY A 1 -3.56 2.26 -21.41
C GLY A 1 -2.57 2.19 -20.27
N PRO A 2 -1.52 1.36 -20.40
CA PRO A 2 -0.51 1.20 -19.35
C PRO A 2 0.47 2.36 -19.30
N LEU A 3 0.16 3.37 -18.50
CA LEU A 3 1.01 4.54 -18.37
C LEU A 3 2.07 4.33 -17.31
N GLY A 4 3.23 4.92 -17.52
CA GLY A 4 4.32 4.81 -16.56
C GLY A 4 4.10 5.70 -15.35
N SER A 5 3.21 6.66 -15.52
CA SER A 5 2.84 7.55 -14.43
C SER A 5 2.18 6.77 -13.31
N ASP A 6 2.78 6.84 -12.12
CA ASP A 6 2.28 6.09 -10.98
C ASP A 6 1.00 6.71 -10.44
N HIS A 7 -0.03 5.91 -10.31
CA HIS A 7 -1.32 6.38 -9.83
C HIS A 7 -1.54 6.00 -8.38
N HIS A 8 -1.38 6.98 -7.50
CA HIS A 8 -1.62 6.79 -6.09
C HIS A 8 -3.13 6.89 -5.80
N MET A 9 -3.67 5.86 -5.17
CA MET A 9 -5.09 5.81 -4.86
C MET A 9 -5.32 4.87 -3.69
N GLU A 10 -6.31 5.19 -2.85
CA GLU A 10 -6.59 4.42 -1.65
C GLU A 10 -7.31 3.11 -1.97
N PHE A 11 -6.54 2.09 -2.33
CA PHE A 11 -7.08 0.76 -2.60
C PHE A 11 -5.92 -0.20 -2.88
N CYS A 12 -6.19 -1.50 -2.81
CA CYS A 12 -5.17 -2.50 -3.10
C CYS A 12 -4.77 -2.42 -4.57
N ARG A 13 -3.53 -2.05 -4.81
CA ARG A 13 -3.05 -1.87 -6.17
C ARG A 13 -3.15 -3.16 -6.99
N VAL A 14 -3.13 -4.30 -6.31
CA VAL A 14 -3.18 -5.60 -6.97
C VAL A 14 -4.58 -6.22 -6.86
N CYS A 15 -4.95 -6.57 -5.64
CA CYS A 15 -6.23 -7.21 -5.32
C CYS A 15 -7.42 -6.25 -5.28
N LYS A 16 -7.18 -5.00 -5.70
CA LYS A 16 -8.23 -4.01 -5.94
C LYS A 16 -9.35 -4.06 -4.92
N ASP A 17 -8.99 -4.16 -3.66
CA ASP A 17 -9.97 -4.23 -2.58
C ASP A 17 -9.83 -3.05 -1.65
N GLY A 18 -10.83 -2.86 -0.80
CA GLY A 18 -10.81 -1.78 0.16
C GLY A 18 -11.40 -2.19 1.49
N GLY A 19 -11.71 -1.22 2.33
CA GLY A 19 -12.28 -1.52 3.63
C GLY A 19 -11.25 -1.41 4.74
N GLU A 20 -10.93 -2.54 5.35
CA GLU A 20 -9.89 -2.59 6.37
C GLU A 20 -8.51 -2.65 5.71
N LEU A 21 -8.20 -1.60 4.98
CA LEU A 21 -6.99 -1.52 4.20
C LEU A 21 -5.83 -1.01 5.05
N LEU A 22 -4.70 -1.69 4.96
CA LEU A 22 -3.48 -1.25 5.62
C LEU A 22 -2.76 -0.27 4.71
N CYS A 23 -2.76 1.00 5.10
CA CYS A 23 -2.27 2.05 4.23
C CYS A 23 -0.77 2.26 4.37
N CYS A 24 -0.20 2.92 3.36
CA CYS A 24 1.20 3.32 3.38
C CYS A 24 1.42 4.45 4.39
N ASP A 25 2.52 5.15 4.23
CA ASP A 25 2.79 6.32 5.06
C ASP A 25 3.19 7.51 4.17
N THR A 26 3.83 7.22 3.06
CA THR A 26 4.26 8.27 2.16
C THR A 26 3.29 8.44 0.98
N CYS A 27 2.42 7.44 0.77
CA CYS A 27 1.41 7.55 -0.26
C CYS A 27 0.08 6.99 0.24
N PRO A 28 -1.03 7.28 -0.45
CA PRO A 28 -2.37 6.87 -0.01
C PRO A 28 -2.72 5.44 -0.42
N SER A 29 -1.79 4.76 -1.07
CA SER A 29 -2.02 3.38 -1.50
C SER A 29 -2.12 2.47 -0.28
N SER A 30 -3.10 1.58 -0.29
CA SER A 30 -3.31 0.68 0.83
C SER A 30 -3.48 -0.76 0.37
N TYR A 31 -3.32 -1.69 1.29
CA TYR A 31 -3.28 -3.11 0.93
C TYR A 31 -3.95 -3.99 1.99
N HIS A 32 -3.83 -5.29 1.78
CA HIS A 32 -4.13 -6.30 2.78
C HIS A 32 -2.92 -6.37 3.71
N ILE A 33 -2.51 -7.59 4.04
CA ILE A 33 -1.22 -7.80 4.68
C ILE A 33 -0.43 -8.89 3.93
N HIS A 34 -0.88 -9.19 2.71
CA HIS A 34 -0.28 -10.28 1.94
C HIS A 34 -0.32 -10.02 0.43
N CYS A 35 -0.62 -8.79 0.02
CA CYS A 35 -0.75 -8.46 -1.40
C CYS A 35 0.61 -8.43 -2.09
N LEU A 36 1.58 -7.82 -1.43
CA LEU A 36 2.89 -7.58 -2.02
C LEU A 36 3.81 -8.79 -1.84
N ARG A 37 5.03 -8.66 -2.34
CA ARG A 37 6.03 -9.71 -2.22
C ARG A 37 6.42 -9.93 -0.75
N PRO A 38 6.86 -8.86 -0.03
CA PRO A 38 7.17 -8.97 1.40
C PRO A 38 5.89 -9.16 2.22
N ALA A 39 5.56 -10.40 2.50
CA ALA A 39 4.31 -10.74 3.16
C ALA A 39 4.35 -10.35 4.63
N LEU A 40 3.29 -9.69 5.08
CA LEU A 40 3.14 -9.34 6.48
C LEU A 40 2.34 -10.43 7.18
N TYR A 41 3.05 -11.35 7.82
CA TYR A 41 2.40 -12.48 8.47
C TYR A 41 1.70 -12.04 9.76
N GLU A 42 2.05 -10.84 10.19
CA GLU A 42 1.40 -10.21 11.33
C GLU A 42 1.16 -8.74 11.01
N VAL A 43 0.25 -8.11 11.73
CA VAL A 43 -0.06 -6.70 11.50
C VAL A 43 1.13 -5.82 11.87
N PRO A 44 1.69 -5.11 10.89
CA PRO A 44 2.88 -4.29 11.08
C PRO A 44 2.58 -2.94 11.69
N ASP A 45 2.35 -2.92 13.01
CA ASP A 45 2.07 -1.68 13.71
C ASP A 45 3.32 -0.80 13.76
N GLY A 46 3.15 0.47 13.45
CA GLY A 46 4.26 1.39 13.42
C GLY A 46 4.36 2.14 12.12
N GLU A 47 5.55 2.17 11.53
CA GLU A 47 5.74 2.81 10.25
C GLU A 47 5.81 1.78 9.14
N TRP A 48 4.75 1.68 8.36
CA TRP A 48 4.69 0.74 7.24
C TRP A 48 4.68 1.52 5.92
N GLN A 49 5.38 0.98 4.93
CA GLN A 49 5.45 1.60 3.62
C GLN A 49 5.15 0.57 2.54
N CYS A 50 4.42 1.00 1.52
CA CYS A 50 4.06 0.11 0.42
C CYS A 50 5.30 -0.29 -0.39
N PRO A 51 5.17 -1.30 -1.28
CA PRO A 51 6.29 -1.77 -2.11
C PRO A 51 6.73 -0.74 -3.16
N ARG A 52 6.03 0.38 -3.24
CA ARG A 52 6.41 1.45 -4.16
C ARG A 52 7.31 2.45 -3.46
N CYS A 53 6.85 2.94 -2.31
CA CYS A 53 7.65 3.87 -1.50
C CYS A 53 8.74 3.11 -0.76
N THR A 54 8.32 2.28 0.19
CA THR A 54 9.19 1.44 1.00
C THR A 54 10.45 2.17 1.47
N CYS A 55 11.60 1.84 0.91
CA CYS A 55 12.85 2.46 1.30
C CYS A 55 13.47 3.21 0.14
N PRO A 56 13.40 4.55 0.17
CA PRO A 56 13.92 5.40 -0.91
C PRO A 56 15.44 5.47 -0.90
N ALA A 57 16.09 4.38 -1.28
CA ALA A 57 17.54 4.31 -1.32
C ALA A 57 18.10 5.36 -2.26
N LEU A 58 17.41 5.58 -3.37
CA LEU A 58 17.78 6.61 -4.33
C LEU A 58 16.55 7.32 -4.84
N LYS A 59 15.44 7.11 -4.12
CA LYS A 59 14.14 7.68 -4.47
C LYS A 59 13.67 7.18 -5.83
N GLY A 60 13.72 5.87 -6.01
CA GLY A 60 13.27 5.27 -7.25
C GLY A 60 14.25 4.25 -7.79
N LYS A 61 15.53 4.59 -7.72
CA LYS A 61 16.57 3.70 -8.19
C LYS A 61 16.92 2.67 -7.13
ZN ZN B . 3.52 4.08 -0.67
ZN ZN C . -4.70 -6.57 -1.06
N GLY A 1 -3.19 9.29 -10.07
CA GLY A 1 -3.07 10.25 -11.19
C GLY A 1 -3.90 11.50 -10.96
N PRO A 2 -4.31 12.20 -12.02
CA PRO A 2 -5.12 13.42 -11.92
C PRO A 2 -6.53 13.14 -11.40
N LEU A 3 -6.96 11.90 -11.51
CA LEU A 3 -8.24 11.48 -10.98
C LEU A 3 -8.04 10.56 -9.79
N GLY A 4 -9.13 9.99 -9.30
CA GLY A 4 -9.05 9.05 -8.20
C GLY A 4 -8.71 7.65 -8.67
N SER A 5 -7.64 7.53 -9.45
CA SER A 5 -7.20 6.26 -9.97
C SER A 5 -5.69 6.13 -9.85
N ASP A 6 -5.25 4.95 -9.40
CA ASP A 6 -3.82 4.68 -9.17
C ASP A 6 -3.22 5.65 -8.15
N HIS A 7 -4.03 6.05 -7.20
CA HIS A 7 -3.58 6.96 -6.15
C HIS A 7 -4.05 6.47 -4.79
N HIS A 8 -5.20 6.97 -4.36
CA HIS A 8 -5.84 6.49 -3.14
C HIS A 8 -7.18 5.85 -3.49
N MET A 9 -7.53 4.79 -2.79
CA MET A 9 -8.77 4.08 -3.03
C MET A 9 -9.16 3.28 -1.79
N GLU A 10 -10.39 2.81 -1.75
CA GLU A 10 -10.88 2.06 -0.60
C GLU A 10 -10.71 0.56 -0.80
N PHE A 11 -9.64 0.19 -1.49
CA PHE A 11 -9.31 -1.21 -1.73
C PHE A 11 -7.83 -1.31 -2.10
N CYS A 12 -7.27 -2.50 -1.98
CA CYS A 12 -5.88 -2.70 -2.33
C CYS A 12 -5.76 -2.91 -3.83
N ARG A 13 -4.90 -2.10 -4.46
CA ARG A 13 -4.81 -2.04 -5.92
C ARG A 13 -4.45 -3.40 -6.55
N VAL A 14 -3.92 -4.31 -5.74
CA VAL A 14 -3.49 -5.60 -6.25
C VAL A 14 -4.67 -6.56 -6.43
N CYS A 15 -5.29 -6.97 -5.34
CA CYS A 15 -6.37 -7.96 -5.40
C CYS A 15 -7.73 -7.30 -5.55
N LYS A 16 -7.75 -5.98 -5.53
CA LYS A 16 -8.97 -5.18 -5.68
C LYS A 16 -9.92 -5.33 -4.49
N ASP A 17 -9.50 -6.09 -3.48
CA ASP A 17 -10.31 -6.28 -2.28
C ASP A 17 -10.16 -5.09 -1.35
N GLY A 18 -11.26 -4.71 -0.70
CA GLY A 18 -11.24 -3.57 0.19
C GLY A 18 -11.25 -3.99 1.65
N GLY A 19 -12.13 -3.38 2.43
CA GLY A 19 -12.19 -3.67 3.85
C GLY A 19 -11.27 -2.78 4.63
N GLU A 20 -10.63 -3.34 5.65
CA GLU A 20 -9.65 -2.61 6.45
C GLU A 20 -8.25 -2.96 5.98
N LEU A 21 -7.64 -2.05 5.24
CA LEU A 21 -6.37 -2.31 4.58
C LEU A 21 -5.20 -1.74 5.38
N LEU A 22 -4.00 -2.12 4.96
CA LEU A 22 -2.77 -1.62 5.55
C LEU A 22 -2.10 -0.68 4.55
N CYS A 23 -2.15 0.61 4.85
CA CYS A 23 -1.71 1.61 3.89
C CYS A 23 -0.41 2.27 4.31
N CYS A 24 0.34 2.76 3.32
CA CYS A 24 1.59 3.45 3.54
C CYS A 24 1.40 4.75 4.33
N ASP A 25 2.49 5.24 4.89
CA ASP A 25 2.47 6.49 5.61
C ASP A 25 3.09 7.60 4.78
N THR A 26 3.71 7.24 3.66
CA THR A 26 4.31 8.23 2.78
C THR A 26 3.49 8.40 1.51
N CYS A 27 2.97 7.31 0.99
CA CYS A 27 2.10 7.35 -0.18
C CYS A 27 0.70 6.88 0.18
N PRO A 28 -0.33 7.37 -0.51
CA PRO A 28 -1.72 7.05 -0.20
C PRO A 28 -2.17 5.71 -0.80
N SER A 29 -1.26 4.75 -0.83
CA SER A 29 -1.55 3.45 -1.43
C SER A 29 -2.15 2.49 -0.41
N SER A 30 -3.36 2.03 -0.70
CA SER A 30 -4.03 1.06 0.14
C SER A 30 -3.62 -0.35 -0.25
N TYR A 31 -3.06 -1.09 0.70
CA TYR A 31 -2.50 -2.39 0.41
C TYR A 31 -2.99 -3.44 1.41
N HIS A 32 -2.63 -4.69 1.14
CA HIS A 32 -2.86 -5.78 2.06
C HIS A 32 -1.52 -6.36 2.46
N ILE A 33 -1.43 -6.90 3.67
CA ILE A 33 -0.18 -7.47 4.18
C ILE A 33 0.37 -8.57 3.27
N HIS A 34 -0.53 -9.21 2.53
CA HIS A 34 -0.15 -10.36 1.71
C HIS A 34 -0.22 -10.03 0.22
N CYS A 35 -0.66 -8.82 -0.11
CA CYS A 35 -0.81 -8.42 -1.51
C CYS A 35 0.39 -7.59 -1.97
N LEU A 36 1.58 -8.05 -1.61
CA LEU A 36 2.81 -7.39 -2.03
C LEU A 36 3.97 -8.37 -1.95
N ARG A 37 5.15 -7.90 -2.32
CA ARG A 37 6.36 -8.71 -2.29
C ARG A 37 6.70 -9.18 -0.86
N PRO A 38 6.86 -8.25 0.11
CA PRO A 38 7.15 -8.64 1.49
C PRO A 38 5.88 -9.02 2.26
N ALA A 39 5.34 -10.19 1.94
CA ALA A 39 4.09 -10.66 2.54
C ALA A 39 4.25 -10.87 4.04
N LEU A 40 3.33 -10.29 4.79
CA LEU A 40 3.36 -10.36 6.25
C LEU A 40 2.10 -11.06 6.76
N TYR A 41 1.90 -11.03 8.07
CA TYR A 41 0.75 -11.68 8.69
C TYR A 41 -0.03 -10.70 9.58
N GLU A 42 -0.39 -9.55 9.00
CA GLU A 42 -1.14 -8.51 9.71
C GLU A 42 -0.36 -8.01 10.89
N VAL A 43 0.90 -7.70 10.65
CA VAL A 43 1.81 -7.35 11.72
C VAL A 43 2.03 -5.85 11.84
N PRO A 44 2.54 -5.21 10.79
CA PRO A 44 2.80 -3.77 10.77
C PRO A 44 1.52 -2.95 10.84
N ASP A 45 1.63 -1.70 11.29
CA ASP A 45 0.49 -0.81 11.42
C ASP A 45 0.96 0.58 11.80
N GLY A 46 0.59 1.57 11.00
CA GLY A 46 1.04 2.93 11.24
C GLY A 46 2.44 3.16 10.72
N GLU A 47 3.39 2.43 11.28
CA GLU A 47 4.78 2.50 10.84
C GLU A 47 5.00 1.56 9.66
N TRP A 48 4.30 1.82 8.57
CA TRP A 48 4.40 0.99 7.38
C TRP A 48 4.42 1.84 6.13
N GLN A 49 4.90 1.26 5.03
CA GLN A 49 4.96 1.94 3.76
C GLN A 49 5.02 0.91 2.64
N CYS A 50 4.55 1.30 1.44
CA CYS A 50 4.56 0.40 0.30
C CYS A 50 5.95 -0.18 0.04
N PRO A 51 6.02 -1.32 -0.66
CA PRO A 51 7.28 -1.88 -1.11
C PRO A 51 7.79 -1.15 -2.36
N ARG A 52 7.24 0.03 -2.59
CA ARG A 52 7.55 0.81 -3.78
C ARG A 52 8.30 2.09 -3.43
N CYS A 53 7.98 2.68 -2.28
CA CYS A 53 8.63 3.91 -1.84
C CYS A 53 10.01 3.60 -1.27
N THR A 54 10.22 2.32 -0.97
CA THR A 54 11.47 1.85 -0.44
C THR A 54 12.46 1.56 -1.56
N CYS A 55 12.73 2.57 -2.38
CA CYS A 55 13.64 2.42 -3.52
C CYS A 55 15.08 2.11 -3.07
N PRO A 56 15.69 2.95 -2.21
CA PRO A 56 17.04 2.71 -1.71
C PRO A 56 17.05 1.78 -0.50
N ALA A 57 16.23 0.74 -0.56
CA ALA A 57 16.12 -0.22 0.53
C ALA A 57 15.66 -1.58 0.00
N LEU A 58 15.99 -2.62 0.73
CA LEU A 58 15.57 -3.97 0.37
C LEU A 58 14.28 -4.33 1.10
N LYS A 59 13.20 -4.50 0.35
CA LYS A 59 11.90 -4.76 0.95
C LYS A 59 11.64 -6.25 1.10
N GLY A 60 12.46 -6.90 1.91
CA GLY A 60 12.25 -8.31 2.20
C GLY A 60 11.13 -8.49 3.19
N LYS A 61 11.05 -7.57 4.14
CA LYS A 61 9.99 -7.57 5.13
C LYS A 61 9.50 -6.15 5.37
ZN ZN B . 4.60 4.22 0.12
ZN ZN C . -5.39 -7.17 -1.48
N GLY A 1 -7.64 6.97 -8.47
CA GLY A 1 -8.50 6.18 -9.38
C GLY A 1 -7.80 4.93 -9.88
N PRO A 2 -8.55 3.93 -10.36
CA PRO A 2 -7.98 2.67 -10.84
C PRO A 2 -7.11 2.86 -12.08
N LEU A 3 -7.47 3.83 -12.91
CA LEU A 3 -6.73 4.11 -14.13
C LEU A 3 -6.16 5.52 -14.10
N GLY A 4 -5.49 5.85 -13.00
CA GLY A 4 -4.97 7.18 -12.82
C GLY A 4 -5.98 8.10 -12.18
N SER A 5 -5.77 9.39 -12.31
CA SER A 5 -6.67 10.40 -11.74
C SER A 5 -6.74 10.28 -10.22
N ASP A 6 -5.95 11.11 -9.54
CA ASP A 6 -5.84 11.11 -8.07
C ASP A 6 -5.05 9.90 -7.58
N HIS A 7 -3.94 10.17 -6.92
CA HIS A 7 -3.06 9.12 -6.41
C HIS A 7 -3.57 8.59 -5.07
N HIS A 8 -4.59 9.22 -4.53
CA HIS A 8 -5.19 8.79 -3.28
C HIS A 8 -6.06 7.56 -3.51
N MET A 9 -5.45 6.39 -3.38
CA MET A 9 -6.14 5.14 -3.63
C MET A 9 -6.92 4.70 -2.40
N GLU A 10 -8.11 4.13 -2.63
CA GLU A 10 -8.97 3.68 -1.54
C GLU A 10 -9.20 2.17 -1.65
N PHE A 11 -8.26 1.48 -2.29
CA PHE A 11 -8.38 0.05 -2.50
C PHE A 11 -7.01 -0.54 -2.87
N CYS A 12 -6.92 -1.86 -2.85
CA CYS A 12 -5.69 -2.56 -3.23
C CYS A 12 -5.39 -2.37 -4.71
N ARG A 13 -4.21 -1.84 -5.02
CA ARG A 13 -3.82 -1.60 -6.40
C ARG A 13 -3.71 -2.90 -7.21
N VAL A 14 -3.70 -4.04 -6.52
CA VAL A 14 -3.57 -5.34 -7.17
C VAL A 14 -4.84 -6.16 -6.99
N CYS A 15 -5.07 -6.57 -5.75
CA CYS A 15 -6.20 -7.40 -5.35
C CYS A 15 -7.52 -6.64 -5.20
N LYS A 16 -7.53 -5.39 -5.65
CA LYS A 16 -8.76 -4.60 -5.85
C LYS A 16 -9.76 -4.75 -4.70
N ASP A 17 -9.27 -4.78 -3.48
CA ASP A 17 -10.14 -4.97 -2.33
C ASP A 17 -10.13 -3.73 -1.43
N GLY A 18 -11.06 -3.72 -0.48
CA GLY A 18 -11.14 -2.62 0.47
C GLY A 18 -11.36 -3.12 1.88
N GLY A 19 -12.17 -2.40 2.64
CA GLY A 19 -12.45 -2.81 4.01
C GLY A 19 -11.39 -2.33 4.97
N GLU A 20 -10.72 -3.27 5.64
CA GLU A 20 -9.63 -2.92 6.53
C GLU A 20 -8.30 -3.07 5.81
N LEU A 21 -7.79 -1.97 5.30
CA LEU A 21 -6.57 -1.99 4.51
C LEU A 21 -5.39 -1.43 5.29
N LEU A 22 -4.24 -2.04 5.08
CA LEU A 22 -3.01 -1.51 5.63
C LEU A 22 -2.43 -0.51 4.65
N CYS A 23 -2.53 0.76 4.99
CA CYS A 23 -2.16 1.85 4.10
C CYS A 23 -0.85 2.49 4.54
N CYS A 24 0.06 2.70 3.61
CA CYS A 24 1.35 3.26 3.91
C CYS A 24 1.27 4.69 4.41
N ASP A 25 2.28 5.10 5.16
CA ASP A 25 2.37 6.46 5.67
C ASP A 25 3.17 7.32 4.70
N THR A 26 3.83 6.65 3.77
CA THR A 26 4.75 7.31 2.87
C THR A 26 4.05 7.68 1.56
N CYS A 27 2.92 7.04 1.32
CA CYS A 27 2.13 7.31 0.13
C CYS A 27 0.67 6.89 0.38
N PRO A 28 -0.28 7.42 -0.40
CA PRO A 28 -1.69 7.16 -0.18
C PRO A 28 -2.21 5.92 -0.93
N SER A 29 -1.61 4.78 -0.65
CA SER A 29 -2.06 3.52 -1.24
C SER A 29 -2.64 2.60 -0.16
N SER A 30 -3.37 1.58 -0.59
CA SER A 30 -4.03 0.67 0.35
C SER A 30 -3.78 -0.78 -0.05
N TYR A 31 -3.56 -1.63 0.94
CA TYR A 31 -3.26 -3.04 0.70
C TYR A 31 -3.93 -3.94 1.74
N HIS A 32 -3.69 -5.24 1.58
CA HIS A 32 -4.01 -6.24 2.58
C HIS A 32 -2.91 -6.19 3.63
N ILE A 33 -2.23 -7.31 3.81
CA ILE A 33 -1.00 -7.35 4.58
C ILE A 33 0.06 -8.19 3.85
N HIS A 34 -0.18 -8.47 2.56
CA HIS A 34 0.69 -9.36 1.80
C HIS A 34 0.52 -9.22 0.28
N CYS A 35 -0.06 -8.12 -0.18
CA CYS A 35 -0.28 -7.92 -1.62
C CYS A 35 1.03 -7.69 -2.34
N LEU A 36 2.02 -7.24 -1.59
CA LEU A 36 3.34 -6.95 -2.13
C LEU A 36 4.24 -8.18 -2.02
N ARG A 37 5.48 -8.02 -2.47
CA ARG A 37 6.46 -9.10 -2.43
C ARG A 37 6.72 -9.58 -1.00
N PRO A 38 7.08 -8.68 -0.06
CA PRO A 38 7.31 -9.06 1.34
C PRO A 38 5.99 -9.26 2.08
N ALA A 39 5.48 -10.48 2.06
CA ALA A 39 4.21 -10.79 2.70
C ALA A 39 4.36 -10.76 4.21
N LEU A 40 3.42 -10.11 4.88
CA LEU A 40 3.45 -10.01 6.33
C LEU A 40 2.38 -10.90 6.94
N TYR A 41 2.73 -11.57 8.03
CA TYR A 41 1.78 -12.42 8.73
C TYR A 41 1.07 -11.63 9.80
N GLU A 42 1.79 -10.65 10.34
CA GLU A 42 1.22 -9.72 11.31
C GLU A 42 1.19 -8.32 10.73
N VAL A 43 0.02 -7.71 10.72
CA VAL A 43 -0.16 -6.41 10.10
C VAL A 43 0.66 -5.33 10.82
N PRO A 44 1.60 -4.68 10.11
CA PRO A 44 2.46 -3.65 10.67
C PRO A 44 1.74 -2.30 10.76
N ASP A 45 0.66 -2.27 11.52
CA ASP A 45 -0.18 -1.08 11.66
C ASP A 45 0.63 0.09 12.24
N GLY A 46 0.62 1.19 11.52
CA GLY A 46 1.34 2.37 11.95
C GLY A 46 1.86 3.19 10.79
N GLU A 47 3.05 3.75 10.97
CA GLU A 47 3.70 4.51 9.90
C GLU A 47 4.46 3.57 8.99
N TRP A 48 3.74 2.60 8.44
CA TRP A 48 4.31 1.61 7.55
C TRP A 48 4.71 2.27 6.23
N GLN A 49 5.90 1.97 5.74
CA GLN A 49 6.39 2.56 4.51
C GLN A 49 6.30 1.54 3.37
N CYS A 50 5.91 2.02 2.20
CA CYS A 50 5.72 1.16 1.05
C CYS A 50 7.00 0.45 0.61
N PRO A 51 6.95 -0.88 0.61
CA PRO A 51 7.96 -1.71 -0.03
C PRO A 51 7.57 -2.00 -1.48
N ARG A 52 6.62 -1.21 -2.01
CA ARG A 52 6.06 -1.49 -3.32
C ARG A 52 5.69 -0.22 -4.10
N CYS A 53 4.95 0.70 -3.48
CA CYS A 53 4.47 1.87 -4.21
C CYS A 53 5.53 2.95 -4.23
N THR A 54 6.30 3.00 -3.15
CA THR A 54 7.29 4.02 -2.96
C THR A 54 8.47 3.84 -3.93
N CYS A 55 8.66 2.62 -4.43
CA CYS A 55 9.73 2.35 -5.39
C CYS A 55 9.58 3.17 -6.67
N PRO A 56 8.43 3.08 -7.40
CA PRO A 56 8.20 3.88 -8.61
C PRO A 56 8.01 5.36 -8.28
N ALA A 57 7.59 5.64 -7.06
CA ALA A 57 7.40 7.02 -6.61
C ALA A 57 8.75 7.71 -6.41
N LEU A 58 9.60 7.08 -5.60
CA LEU A 58 10.93 7.60 -5.36
C LEU A 58 11.97 6.61 -5.88
N LYS A 59 12.47 5.76 -4.97
CA LYS A 59 13.40 4.72 -5.35
C LYS A 59 13.03 3.41 -4.66
N GLY A 60 13.42 2.30 -5.25
CA GLY A 60 13.11 1.01 -4.68
C GLY A 60 14.15 0.58 -3.65
N LYS A 61 14.04 -0.66 -3.21
CA LYS A 61 14.98 -1.22 -2.25
C LYS A 61 15.38 -2.61 -2.68
ZN ZN B . 2.50 3.32 -0.54
ZN ZN C . -4.50 -6.58 -1.24
N GLY A 1 -7.22 5.21 3.33
CA GLY A 1 -7.91 6.30 2.59
C GLY A 1 -9.41 6.11 2.59
N PRO A 2 -10.17 7.19 2.83
CA PRO A 2 -11.63 7.12 2.91
C PRO A 2 -12.27 6.68 1.60
N LEU A 3 -12.04 7.45 0.54
CA LEU A 3 -12.59 7.11 -0.77
C LEU A 3 -11.48 6.99 -1.80
N GLY A 4 -11.71 6.22 -2.84
CA GLY A 4 -10.76 6.10 -3.92
C GLY A 4 -11.13 6.99 -5.09
N SER A 5 -10.96 8.29 -4.89
CA SER A 5 -11.33 9.28 -5.89
C SER A 5 -10.59 9.02 -7.21
N ASP A 6 -9.28 9.17 -7.17
CA ASP A 6 -8.45 8.86 -8.32
C ASP A 6 -7.01 8.68 -7.86
N HIS A 7 -6.45 9.75 -7.32
CA HIS A 7 -5.15 9.67 -6.67
C HIS A 7 -5.36 9.44 -5.18
N HIS A 8 -6.00 8.33 -4.88
CA HIS A 8 -6.39 7.97 -3.53
C HIS A 8 -6.99 6.58 -3.55
N MET A 9 -6.86 5.83 -2.48
CA MET A 9 -7.31 4.46 -2.48
C MET A 9 -7.98 4.08 -1.17
N GLU A 10 -8.96 3.20 -1.28
CA GLU A 10 -9.64 2.63 -0.11
C GLU A 10 -9.58 1.12 -0.21
N PHE A 11 -8.58 0.65 -0.95
CA PHE A 11 -8.38 -0.77 -1.22
C PHE A 11 -6.95 -0.99 -1.65
N CYS A 12 -6.50 -2.21 -1.59
CA CYS A 12 -5.16 -2.55 -2.01
C CYS A 12 -5.08 -2.54 -3.53
N ARG A 13 -4.32 -1.60 -4.07
CA ARG A 13 -4.25 -1.38 -5.53
C ARG A 13 -3.71 -2.60 -6.27
N VAL A 14 -3.13 -3.54 -5.53
CA VAL A 14 -2.56 -4.75 -6.12
C VAL A 14 -3.65 -5.67 -6.66
N CYS A 15 -4.74 -5.81 -5.91
CA CYS A 15 -5.81 -6.73 -6.28
C CYS A 15 -7.17 -6.02 -6.33
N LYS A 16 -7.19 -4.76 -5.89
CA LYS A 16 -8.40 -3.94 -5.87
C LYS A 16 -9.39 -4.42 -4.80
N ASP A 17 -8.87 -5.10 -3.78
CA ASP A 17 -9.71 -5.59 -2.68
C ASP A 17 -9.49 -4.79 -1.41
N GLY A 18 -10.46 -4.87 -0.51
CA GLY A 18 -10.33 -4.26 0.80
C GLY A 18 -10.14 -5.30 1.88
N GLY A 19 -10.23 -4.88 3.13
CA GLY A 19 -10.04 -5.79 4.24
C GLY A 19 -8.89 -5.36 5.13
N GLU A 20 -7.88 -6.20 5.22
CA GLU A 20 -6.68 -5.86 5.99
C GLU A 20 -5.81 -4.91 5.19
N LEU A 21 -6.09 -3.63 5.31
CA LEU A 21 -5.45 -2.63 4.47
C LEU A 21 -4.41 -1.82 5.23
N LEU A 22 -3.16 -2.07 4.90
CA LEU A 22 -2.07 -1.26 5.40
C LEU A 22 -2.00 0.03 4.60
N CYS A 23 -2.13 1.16 5.28
CA CYS A 23 -2.15 2.45 4.60
C CYS A 23 -0.74 2.98 4.39
N CYS A 24 -0.45 3.36 3.15
CA CYS A 24 0.81 3.96 2.77
C CYS A 24 1.23 5.08 3.73
N ASP A 25 2.52 5.21 3.95
CA ASP A 25 3.06 6.28 4.79
C ASP A 25 3.15 7.58 4.01
N THR A 26 3.64 7.46 2.78
CA THR A 26 3.89 8.61 1.94
C THR A 26 2.78 8.83 0.93
N CYS A 27 2.13 7.73 0.56
CA CYS A 27 1.16 7.72 -0.50
C CYS A 27 -0.26 7.52 0.04
N PRO A 28 -1.30 7.69 -0.81
CA PRO A 28 -2.69 7.59 -0.38
C PRO A 28 -3.28 6.19 -0.65
N SER A 29 -2.41 5.25 -0.94
CA SER A 29 -2.82 3.91 -1.30
C SER A 29 -3.01 3.02 -0.07
N SER A 30 -3.63 1.87 -0.29
CA SER A 30 -3.81 0.87 0.75
C SER A 30 -3.32 -0.47 0.23
N TYR A 31 -2.84 -1.32 1.12
CA TYR A 31 -2.21 -2.57 0.71
C TYR A 31 -2.68 -3.75 1.55
N HIS A 32 -2.56 -4.94 1.00
CA HIS A 32 -2.84 -6.16 1.74
C HIS A 32 -1.53 -6.74 2.24
N ILE A 33 -1.56 -7.34 3.42
CA ILE A 33 -0.35 -7.92 3.99
C ILE A 33 0.12 -9.15 3.21
N HIS A 34 -0.72 -9.63 2.29
CA HIS A 34 -0.39 -10.80 1.49
C HIS A 34 -0.41 -10.48 0.00
N CYS A 35 -0.56 -9.20 -0.33
CA CYS A 35 -0.56 -8.79 -1.73
C CYS A 35 0.76 -8.15 -2.11
N LEU A 36 1.71 -8.17 -1.18
CA LEU A 36 3.05 -7.67 -1.44
C LEU A 36 4.00 -8.82 -1.68
N ARG A 37 5.23 -8.50 -2.07
CA ARG A 37 6.26 -9.52 -2.25
C ARG A 37 6.72 -10.05 -0.88
N PRO A 38 7.22 -9.18 0.02
CA PRO A 38 7.55 -9.58 1.38
C PRO A 38 6.31 -9.57 2.27
N ALA A 39 5.54 -10.66 2.20
CA ALA A 39 4.26 -10.73 2.88
C ALA A 39 4.43 -10.74 4.40
N LEU A 40 3.46 -10.16 5.09
CA LEU A 40 3.46 -10.14 6.53
C LEU A 40 2.38 -11.07 7.06
N TYR A 41 2.66 -11.74 8.17
CA TYR A 41 1.71 -12.68 8.76
C TYR A 41 0.91 -11.99 9.85
N GLU A 42 1.19 -10.72 10.05
CA GLU A 42 0.46 -9.90 11.00
C GLU A 42 0.23 -8.52 10.42
N VAL A 43 -0.75 -7.80 10.96
CA VAL A 43 -1.07 -6.47 10.47
C VAL A 43 -0.46 -5.40 11.35
N PRO A 44 0.55 -4.68 10.85
CA PRO A 44 1.19 -3.58 11.57
C PRO A 44 0.24 -2.39 11.74
N ASP A 45 0.69 -1.36 12.43
CA ASP A 45 -0.11 -0.17 12.66
C ASP A 45 0.02 0.81 11.50
N GLY A 46 -0.31 2.08 11.76
CA GLY A 46 -0.14 3.10 10.76
C GLY A 46 1.29 3.60 10.69
N GLU A 47 2.22 2.70 10.93
CA GLU A 47 3.64 3.00 10.89
C GLU A 47 4.34 2.03 9.97
N TRP A 48 3.95 2.05 8.71
CA TRP A 48 4.47 1.10 7.74
C TRP A 48 4.80 1.79 6.42
N GLN A 49 5.96 1.48 5.87
CA GLN A 49 6.36 2.04 4.59
C GLN A 49 6.33 0.96 3.52
N CYS A 50 5.66 1.29 2.43
CA CYS A 50 5.39 0.36 1.36
C CYS A 50 6.65 -0.03 0.59
N PRO A 51 6.80 -1.32 0.29
CA PRO A 51 7.90 -1.83 -0.52
C PRO A 51 7.58 -1.74 -2.01
N ARG A 52 6.50 -1.04 -2.34
CA ARG A 52 6.07 -0.89 -3.72
C ARG A 52 6.29 0.53 -4.21
N CYS A 53 5.47 1.46 -3.74
CA CYS A 53 5.58 2.86 -4.11
C CYS A 53 6.76 3.50 -3.40
N THR A 54 7.11 2.93 -2.25
CA THR A 54 8.24 3.32 -1.43
C THR A 54 8.11 4.74 -0.87
N CYS A 55 8.00 5.74 -1.74
CA CYS A 55 7.85 7.13 -1.30
C CYS A 55 7.21 8.00 -2.40
N PRO A 56 7.80 8.05 -3.61
CA PRO A 56 7.32 8.94 -4.67
C PRO A 56 6.22 8.30 -5.52
N ALA A 57 5.00 8.30 -5.01
CA ALA A 57 3.85 7.78 -5.74
C ALA A 57 2.92 8.91 -6.14
N LEU A 58 3.42 10.14 -6.07
CA LEU A 58 2.65 11.30 -6.46
C LEU A 58 2.91 11.64 -7.93
N LYS A 59 4.19 11.70 -8.29
CA LYS A 59 4.58 11.96 -9.67
C LYS A 59 5.04 10.67 -10.32
N GLY A 60 4.16 10.05 -11.09
CA GLY A 60 4.49 8.80 -11.73
C GLY A 60 3.38 7.78 -11.60
N LYS A 61 3.60 6.76 -10.78
CA LYS A 61 2.60 5.74 -10.55
C LYS A 61 2.64 5.29 -9.09
ZN ZN B . 2.88 3.64 -0.80
ZN ZN C . -5.00 -7.09 -2.16
N GLY A 1 -10.37 1.46 -12.40
CA GLY A 1 -9.06 1.39 -13.09
C GLY A 1 -8.13 2.51 -12.67
N PRO A 2 -7.28 3.00 -13.58
CA PRO A 2 -6.33 4.06 -13.27
C PRO A 2 -7.00 5.41 -13.00
N LEU A 3 -8.23 5.56 -13.50
CA LEU A 3 -8.97 6.81 -13.30
C LEU A 3 -9.49 6.90 -11.87
N GLY A 4 -9.30 8.06 -11.25
CA GLY A 4 -9.71 8.24 -9.87
C GLY A 4 -8.67 7.71 -8.89
N SER A 5 -8.30 6.46 -9.06
CA SER A 5 -7.31 5.82 -8.20
C SER A 5 -5.91 6.39 -8.44
N ASP A 6 -5.80 7.26 -9.43
CA ASP A 6 -4.53 7.94 -9.72
C ASP A 6 -4.15 8.85 -8.56
N HIS A 7 -5.15 9.43 -7.93
CA HIS A 7 -4.93 10.25 -6.74
C HIS A 7 -4.79 9.36 -5.51
N HIS A 8 -5.83 8.59 -5.23
CA HIS A 8 -5.83 7.65 -4.11
C HIS A 8 -6.86 6.57 -4.37
N MET A 9 -6.81 5.49 -3.61
CA MET A 9 -7.74 4.39 -3.78
C MET A 9 -8.08 3.73 -2.44
N GLU A 10 -9.35 3.39 -2.27
CA GLU A 10 -9.84 2.78 -1.04
C GLU A 10 -9.74 1.26 -1.10
N PHE A 11 -8.67 0.78 -1.71
CA PHE A 11 -8.43 -0.64 -1.86
C PHE A 11 -6.96 -0.88 -2.15
N CYS A 12 -6.54 -2.12 -2.08
CA CYS A 12 -5.16 -2.44 -2.36
C CYS A 12 -4.98 -2.59 -3.86
N ARG A 13 -4.10 -1.76 -4.42
CA ARG A 13 -3.93 -1.68 -5.87
C ARG A 13 -3.55 -3.01 -6.50
N VAL A 14 -2.92 -3.88 -5.72
CA VAL A 14 -2.48 -5.18 -6.23
C VAL A 14 -3.66 -6.08 -6.61
N CYS A 15 -4.35 -6.61 -5.61
CA CYS A 15 -5.44 -7.57 -5.86
C CYS A 15 -6.75 -6.84 -6.18
N LYS A 16 -6.72 -5.50 -6.03
CA LYS A 16 -7.88 -4.64 -6.30
C LYS A 16 -8.96 -4.78 -5.24
N ASP A 17 -8.73 -5.62 -4.24
CA ASP A 17 -9.68 -5.81 -3.16
C ASP A 17 -9.59 -4.68 -2.14
N GLY A 18 -10.71 -4.38 -1.51
CA GLY A 18 -10.74 -3.34 -0.50
C GLY A 18 -10.95 -3.90 0.89
N GLY A 19 -12.06 -3.53 1.50
CA GLY A 19 -12.35 -3.98 2.84
C GLY A 19 -11.46 -3.29 3.86
N GLU A 20 -10.89 -4.07 4.77
CA GLU A 20 -9.97 -3.55 5.76
C GLU A 20 -8.53 -3.65 5.23
N LEU A 21 -7.87 -2.51 5.15
CA LEU A 21 -6.55 -2.46 4.55
C LEU A 21 -5.55 -1.76 5.45
N LEU A 22 -4.28 -1.92 5.13
CA LEU A 22 -3.21 -1.18 5.77
C LEU A 22 -2.67 -0.15 4.79
N CYS A 23 -2.83 1.11 5.14
CA CYS A 23 -2.51 2.19 4.23
C CYS A 23 -1.08 2.65 4.39
N CYS A 24 -0.52 3.21 3.31
CA CYS A 24 0.83 3.74 3.31
C CYS A 24 1.07 4.71 4.45
N ASP A 25 2.34 4.91 4.77
CA ASP A 25 2.72 5.95 5.72
C ASP A 25 3.13 7.19 4.96
N THR A 26 3.27 7.03 3.64
CA THR A 26 3.71 8.12 2.78
C THR A 26 2.63 8.46 1.76
N CYS A 27 2.34 7.51 0.88
CA CYS A 27 1.40 7.71 -0.20
C CYS A 27 -0.04 7.54 0.29
N PRO A 28 -1.04 7.95 -0.52
CA PRO A 28 -2.45 7.85 -0.16
C PRO A 28 -3.09 6.56 -0.67
N SER A 29 -2.28 5.51 -0.74
CA SER A 29 -2.75 4.23 -1.24
C SER A 29 -3.12 3.28 -0.10
N SER A 30 -3.78 2.19 -0.43
CA SER A 30 -4.15 1.19 0.56
C SER A 30 -3.61 -0.17 0.14
N TYR A 31 -3.23 -1.00 1.11
CA TYR A 31 -2.59 -2.27 0.81
C TYR A 31 -3.12 -3.40 1.68
N HIS A 32 -2.77 -4.62 1.30
CA HIS A 32 -3.03 -5.79 2.11
C HIS A 32 -1.69 -6.38 2.53
N ILE A 33 -1.66 -7.08 3.65
CA ILE A 33 -0.41 -7.63 4.17
C ILE A 33 0.09 -8.80 3.32
N HIS A 34 -0.81 -9.41 2.56
CA HIS A 34 -0.47 -10.59 1.78
C HIS A 34 -0.36 -10.28 0.28
N CYS A 35 -0.58 -9.02 -0.08
CA CYS A 35 -0.57 -8.64 -1.49
C CYS A 35 0.75 -7.99 -1.90
N LEU A 36 1.77 -8.19 -1.09
CA LEU A 36 3.11 -7.71 -1.42
C LEU A 36 4.05 -8.90 -1.53
N ARG A 37 5.27 -8.65 -2.02
CA ARG A 37 6.30 -9.67 -2.08
C ARG A 37 6.75 -10.05 -0.66
N PRO A 38 7.24 -9.08 0.16
CA PRO A 38 7.58 -9.32 1.55
C PRO A 38 6.32 -9.40 2.41
N ALA A 39 5.50 -10.40 2.12
CA ALA A 39 4.19 -10.56 2.75
C ALA A 39 4.33 -10.71 4.27
N LEU A 40 3.32 -10.21 4.97
CA LEU A 40 3.29 -10.30 6.42
C LEU A 40 2.07 -11.07 6.87
N TYR A 41 2.13 -11.61 8.07
CA TYR A 41 1.02 -12.35 8.64
C TYR A 41 0.27 -11.48 9.64
N GLU A 42 0.88 -10.35 9.96
CA GLU A 42 0.26 -9.36 10.83
C GLU A 42 0.39 -7.98 10.22
N VAL A 43 -0.33 -7.02 10.76
CA VAL A 43 -0.32 -5.67 10.22
C VAL A 43 0.67 -4.78 10.96
N PRO A 44 1.64 -4.22 10.23
CA PRO A 44 2.67 -3.34 10.81
C PRO A 44 2.13 -1.93 11.03
N ASP A 45 1.30 -1.78 12.05
CA ASP A 45 0.69 -0.48 12.36
C ASP A 45 1.72 0.47 12.94
N GLY A 46 1.98 1.56 12.24
CA GLY A 46 2.96 2.52 12.67
C GLY A 46 4.15 2.58 11.75
N GLU A 47 5.14 1.74 12.02
CA GLU A 47 6.35 1.68 11.21
C GLU A 47 6.19 0.72 10.04
N TRP A 48 6.03 1.27 8.85
CA TRP A 48 5.92 0.50 7.63
C TRP A 48 6.06 1.39 6.41
N GLN A 49 6.92 0.98 5.49
CA GLN A 49 7.06 1.66 4.21
C GLN A 49 6.79 0.68 3.09
N CYS A 50 5.89 1.07 2.20
CA CYS A 50 5.46 0.21 1.12
C CYS A 50 6.60 -0.12 0.16
N PRO A 51 6.76 -1.40 -0.17
CA PRO A 51 7.77 -1.86 -1.11
C PRO A 51 7.27 -1.82 -2.55
N ARG A 52 6.49 -0.79 -2.88
CA ARG A 52 5.92 -0.66 -4.20
C ARG A 52 5.82 0.80 -4.64
N CYS A 53 5.14 1.62 -3.86
CA CYS A 53 4.93 3.01 -4.22
C CYS A 53 5.97 3.91 -3.57
N THR A 54 7.21 3.73 -3.97
CA THR A 54 8.28 4.59 -3.52
C THR A 54 8.01 6.01 -4.01
N CYS A 55 7.31 6.09 -5.13
CA CYS A 55 6.70 7.32 -5.61
C CYS A 55 5.27 7.01 -6.02
N PRO A 56 4.27 7.60 -5.34
CA PRO A 56 2.85 7.29 -5.57
C PRO A 56 2.47 7.42 -7.05
N ALA A 57 3.03 8.44 -7.69
CA ALA A 57 2.87 8.60 -9.12
C ALA A 57 4.15 8.17 -9.83
N LEU A 58 4.27 6.87 -10.06
CA LEU A 58 5.45 6.29 -10.68
C LEU A 58 5.58 6.76 -12.13
N LYS A 59 6.36 7.81 -12.34
CA LYS A 59 6.52 8.38 -13.66
C LYS A 59 7.98 8.31 -14.11
N GLY A 60 8.89 8.45 -13.15
CA GLY A 60 10.31 8.38 -13.46
C GLY A 60 11.05 7.47 -12.51
N LYS A 61 10.90 6.16 -12.69
CA LYS A 61 11.57 5.19 -11.84
C LYS A 61 12.72 4.54 -12.60
ZN ZN B . 2.81 3.62 -0.59
ZN ZN C . -5.03 -6.95 -1.78
N GLY A 1 -15.52 3.12 -4.40
CA GLY A 1 -15.90 4.41 -5.01
C GLY A 1 -15.02 4.77 -6.18
N PRO A 2 -15.61 5.13 -7.33
CA PRO A 2 -14.87 5.46 -8.56
C PRO A 2 -13.87 6.61 -8.35
N LEU A 3 -14.26 7.56 -7.52
CA LEU A 3 -13.40 8.70 -7.23
C LEU A 3 -12.85 8.62 -5.81
N GLY A 4 -12.82 7.41 -5.28
CA GLY A 4 -12.34 7.20 -3.92
C GLY A 4 -10.86 6.89 -3.88
N SER A 5 -10.18 7.15 -4.99
CA SER A 5 -8.75 6.89 -5.09
C SER A 5 -8.01 8.17 -5.49
N ASP A 6 -8.21 9.22 -4.71
CA ASP A 6 -7.59 10.51 -5.00
C ASP A 6 -6.72 10.95 -3.84
N HIS A 7 -7.34 11.14 -2.68
CA HIS A 7 -6.60 11.45 -1.46
C HIS A 7 -5.85 10.22 -1.00
N HIS A 8 -6.51 9.08 -1.14
CA HIS A 8 -5.92 7.80 -0.82
C HIS A 8 -6.48 6.75 -1.77
N MET A 9 -7.04 5.67 -1.22
CA MET A 9 -7.74 4.67 -2.02
C MET A 9 -8.39 3.64 -1.11
N GLU A 10 -9.66 3.36 -1.37
CA GLU A 10 -10.43 2.42 -0.55
C GLU A 10 -10.33 1.01 -1.13
N PHE A 11 -9.16 0.69 -1.65
CA PHE A 11 -8.89 -0.62 -2.22
C PHE A 11 -7.39 -0.81 -2.34
N CYS A 12 -6.98 -2.05 -2.54
CA CYS A 12 -5.57 -2.38 -2.57
C CYS A 12 -5.04 -2.37 -3.99
N ARG A 13 -3.74 -2.18 -4.14
CA ARG A 13 -3.14 -2.02 -5.47
C ARG A 13 -3.04 -3.35 -6.22
N VAL A 14 -2.70 -4.42 -5.52
CA VAL A 14 -2.57 -5.73 -6.16
C VAL A 14 -3.93 -6.41 -6.29
N CYS A 15 -4.38 -7.06 -5.22
CA CYS A 15 -5.71 -7.61 -5.17
C CYS A 15 -6.71 -6.54 -4.80
N LYS A 16 -7.01 -5.69 -5.79
CA LYS A 16 -7.81 -4.46 -5.67
C LYS A 16 -9.12 -4.66 -4.92
N ASP A 17 -8.98 -5.00 -3.68
CA ASP A 17 -10.10 -5.28 -2.80
C ASP A 17 -10.08 -4.31 -1.63
N GLY A 18 -11.19 -4.27 -0.90
CA GLY A 18 -11.26 -3.43 0.28
C GLY A 18 -10.97 -4.21 1.54
N GLY A 19 -11.95 -4.30 2.41
CA GLY A 19 -11.79 -5.08 3.64
C GLY A 19 -10.85 -4.42 4.61
N GLU A 20 -9.90 -5.19 5.12
CA GLU A 20 -8.89 -4.67 6.02
C GLU A 20 -7.69 -4.18 5.22
N LEU A 21 -7.58 -2.87 5.09
CA LEU A 21 -6.55 -2.27 4.27
C LEU A 21 -5.50 -1.58 5.11
N LEU A 22 -4.29 -2.12 5.08
CA LEU A 22 -3.14 -1.44 5.64
C LEU A 22 -2.71 -0.35 4.67
N CYS A 23 -2.71 0.88 5.13
CA CYS A 23 -2.45 2.01 4.26
C CYS A 23 -1.04 2.55 4.49
N CYS A 24 -0.41 3.00 3.41
CA CYS A 24 0.93 3.54 3.47
C CYS A 24 1.03 4.70 4.46
N ASP A 25 2.23 4.93 4.97
CA ASP A 25 2.48 5.99 5.93
C ASP A 25 2.38 7.37 5.27
N THR A 26 3.44 7.73 4.54
CA THR A 26 3.50 9.03 3.89
C THR A 26 3.17 8.91 2.40
N CYS A 27 2.51 7.83 2.04
CA CYS A 27 2.14 7.57 0.67
C CYS A 27 0.66 7.24 0.58
N PRO A 28 0.00 7.63 -0.50
CA PRO A 28 -1.46 7.55 -0.63
C PRO A 28 -1.92 6.23 -1.26
N SER A 29 -1.46 5.11 -0.71
CA SER A 29 -1.84 3.81 -1.22
C SER A 29 -2.30 2.89 -0.09
N SER A 30 -2.99 1.81 -0.46
CA SER A 30 -3.51 0.86 0.52
C SER A 30 -3.30 -0.56 0.02
N TYR A 31 -3.02 -1.46 0.96
CA TYR A 31 -2.77 -2.85 0.64
C TYR A 31 -3.47 -3.75 1.64
N HIS A 32 -3.32 -5.05 1.44
CA HIS A 32 -3.74 -6.03 2.43
C HIS A 32 -2.49 -6.45 3.20
N ILE A 33 -2.39 -7.72 3.52
CA ILE A 33 -1.15 -8.24 4.09
C ILE A 33 -0.62 -9.39 3.25
N HIS A 34 -1.20 -9.56 2.06
CA HIS A 34 -0.82 -10.66 1.18
C HIS A 34 -0.80 -10.24 -0.29
N CYS A 35 -0.64 -8.95 -0.53
CA CYS A 35 -0.61 -8.44 -1.90
C CYS A 35 0.81 -8.44 -2.46
N LEU A 36 1.69 -7.76 -1.76
CA LEU A 36 3.07 -7.61 -2.21
C LEU A 36 3.88 -8.86 -1.86
N ARG A 37 5.03 -9.02 -2.55
CA ARG A 37 5.92 -10.14 -2.31
C ARG A 37 6.38 -10.20 -0.84
N PRO A 38 6.89 -9.08 -0.27
CA PRO A 38 7.24 -9.04 1.15
C PRO A 38 5.98 -8.95 2.02
N ALA A 39 5.19 -10.02 1.96
CA ALA A 39 3.89 -10.07 2.60
C ALA A 39 4.02 -9.91 4.12
N LEU A 40 2.93 -9.51 4.73
CA LEU A 40 2.89 -9.29 6.16
C LEU A 40 2.13 -10.42 6.84
N TYR A 41 2.75 -11.02 7.83
CA TYR A 41 2.10 -12.07 8.59
C TYR A 41 1.21 -11.46 9.66
N GLU A 42 1.53 -10.23 10.02
CA GLU A 42 0.72 -9.44 10.92
C GLU A 42 0.57 -8.03 10.36
N VAL A 43 -0.53 -7.37 10.67
CA VAL A 43 -0.78 -6.04 10.12
C VAL A 43 0.13 -5.00 10.78
N PRO A 44 0.95 -4.31 9.98
CA PRO A 44 1.89 -3.30 10.47
C PRO A 44 1.19 -2.03 10.93
N ASP A 45 1.73 -1.41 11.95
CA ASP A 45 1.15 -0.19 12.52
C ASP A 45 2.24 0.68 13.12
N GLY A 46 2.24 1.95 12.75
CA GLY A 46 3.24 2.88 13.25
C GLY A 46 3.96 3.61 12.15
N GLU A 47 5.07 3.04 11.68
CA GLU A 47 5.86 3.67 10.62
C GLU A 47 6.14 2.66 9.52
N TRP A 48 5.16 2.43 8.66
CA TRP A 48 5.31 1.49 7.57
C TRP A 48 5.46 2.22 6.23
N GLN A 49 6.64 2.11 5.64
CA GLN A 49 6.87 2.66 4.32
C GLN A 49 6.84 1.52 3.30
N CYS A 50 6.16 1.76 2.20
CA CYS A 50 5.88 0.71 1.25
C CYS A 50 7.10 0.38 0.39
N PRO A 51 7.25 -0.91 0.06
CA PRO A 51 8.31 -1.39 -0.81
C PRO A 51 7.80 -1.63 -2.23
N ARG A 52 6.74 -0.91 -2.62
CA ARG A 52 6.09 -1.17 -3.89
C ARG A 52 5.72 0.10 -4.65
N CYS A 53 4.90 0.97 -4.06
CA CYS A 53 4.40 2.14 -4.77
C CYS A 53 5.55 3.03 -5.26
N THR A 54 6.56 3.19 -4.41
CA THR A 54 7.74 4.02 -4.71
C THR A 54 7.32 5.41 -5.19
N CYS A 55 6.56 6.11 -4.35
CA CYS A 55 6.07 7.44 -4.67
C CYS A 55 7.22 8.44 -4.74
N PRO A 56 7.01 9.60 -5.39
CA PRO A 56 8.03 10.64 -5.54
C PRO A 56 8.34 11.35 -4.22
N ALA A 57 7.79 10.84 -3.13
CA ALA A 57 8.07 11.34 -1.80
C ALA A 57 9.37 10.73 -1.28
N LEU A 58 10.47 11.10 -1.90
CA LEU A 58 11.77 10.54 -1.57
C LEU A 58 12.84 11.61 -1.73
N LYS A 59 12.64 12.73 -1.04
CA LYS A 59 13.58 13.85 -1.11
C LYS A 59 14.91 13.48 -0.49
N GLY A 60 14.88 12.61 0.51
CA GLY A 60 16.09 12.15 1.13
C GLY A 60 16.19 10.64 1.12
N LYS A 61 15.34 10.00 1.89
CA LYS A 61 15.29 8.54 1.95
C LYS A 61 13.85 8.08 1.97
ZN ZN B . 2.65 3.33 -0.74
ZN ZN C . -4.45 -6.83 -1.64
N GLY A 1 1.22 -1.43 -15.27
CA GLY A 1 -0.10 -1.06 -14.70
C GLY A 1 -0.42 0.40 -14.92
N PRO A 2 -1.37 0.70 -15.82
CA PRO A 2 -1.75 2.09 -16.13
C PRO A 2 -2.30 2.81 -14.90
N LEU A 3 -1.84 4.03 -14.70
CA LEU A 3 -2.26 4.83 -13.56
C LEU A 3 -3.35 5.81 -13.97
N GLY A 4 -4.51 5.69 -13.35
CA GLY A 4 -5.60 6.59 -13.62
C GLY A 4 -5.50 7.85 -12.78
N SER A 5 -6.44 8.76 -12.95
CA SER A 5 -6.45 10.01 -12.20
C SER A 5 -7.04 9.80 -10.81
N ASP A 6 -6.54 8.79 -10.10
CA ASP A 6 -6.99 8.50 -8.75
C ASP A 6 -6.04 9.11 -7.73
N HIS A 7 -6.53 10.11 -7.01
CA HIS A 7 -5.70 10.85 -6.06
C HIS A 7 -5.73 10.17 -4.68
N HIS A 8 -6.62 9.20 -4.53
CA HIS A 8 -6.72 8.44 -3.29
C HIS A 8 -7.27 7.05 -3.57
N MET A 9 -6.71 6.04 -2.89
CA MET A 9 -7.14 4.67 -3.08
C MET A 9 -7.51 4.03 -1.74
N GLU A 10 -8.78 3.75 -1.56
CA GLU A 10 -9.27 3.11 -0.34
C GLU A 10 -9.08 1.61 -0.41
N PHE A 11 -8.96 1.10 -1.62
CA PHE A 11 -8.70 -0.32 -1.84
C PHE A 11 -7.23 -0.52 -2.17
N CYS A 12 -6.75 -1.75 -1.99
CA CYS A 12 -5.35 -2.04 -2.22
C CYS A 12 -5.02 -2.02 -3.70
N ARG A 13 -3.83 -1.53 -4.03
CA ARG A 13 -3.44 -1.34 -5.42
C ARG A 13 -3.28 -2.66 -6.16
N VAL A 14 -2.50 -3.57 -5.57
CA VAL A 14 -2.17 -4.84 -6.23
C VAL A 14 -3.40 -5.75 -6.36
N CYS A 15 -3.81 -6.37 -5.27
CA CYS A 15 -4.97 -7.26 -5.31
C CYS A 15 -6.31 -6.54 -5.10
N LYS A 16 -6.35 -5.27 -5.54
CA LYS A 16 -7.56 -4.43 -5.59
C LYS A 16 -8.66 -4.88 -4.62
N ASP A 17 -8.34 -4.91 -3.34
CA ASP A 17 -9.27 -5.39 -2.33
C ASP A 17 -9.02 -4.71 -0.99
N GLY A 18 -10.04 -4.70 -0.14
CA GLY A 18 -9.90 -4.10 1.17
C GLY A 18 -9.92 -5.13 2.28
N GLY A 19 -10.71 -4.87 3.31
CA GLY A 19 -10.79 -5.77 4.45
C GLY A 19 -9.60 -5.62 5.36
N GLU A 20 -8.51 -6.27 5.01
CA GLU A 20 -7.23 -6.07 5.68
C GLU A 20 -6.55 -4.85 5.07
N LEU A 21 -6.83 -3.69 5.63
CA LEU A 21 -6.43 -2.44 5.00
C LEU A 21 -5.34 -1.73 5.78
N LEU A 22 -4.11 -1.94 5.35
CA LEU A 22 -2.98 -1.16 5.83
C LEU A 22 -2.90 0.14 5.05
N CYS A 23 -2.31 1.15 5.65
CA CYS A 23 -2.22 2.45 5.03
C CYS A 23 -0.83 2.68 4.43
N CYS A 24 -0.80 3.11 3.17
CA CYS A 24 0.43 3.44 2.48
C CYS A 24 1.26 4.43 3.30
N ASP A 25 2.58 4.32 3.19
CA ASP A 25 3.48 5.16 3.96
C ASP A 25 3.36 6.63 3.56
N THR A 26 3.79 6.96 2.36
CA THR A 26 3.76 8.33 1.90
C THR A 26 2.78 8.49 0.73
N CYS A 27 2.17 7.39 0.35
CA CYS A 27 1.22 7.37 -0.75
C CYS A 27 -0.22 7.37 -0.23
N PRO A 28 -1.20 7.66 -1.10
CA PRO A 28 -2.60 7.77 -0.70
C PRO A 28 -3.38 6.49 -0.96
N SER A 29 -2.69 5.36 -0.95
CA SER A 29 -3.32 4.08 -1.22
C SER A 29 -3.52 3.28 0.06
N SER A 30 -4.17 2.15 -0.09
CA SER A 30 -4.33 1.22 1.00
C SER A 30 -3.88 -0.15 0.53
N TYR A 31 -3.53 -1.03 1.46
CA TYR A 31 -2.96 -2.32 1.10
C TYR A 31 -3.50 -3.43 2.00
N HIS A 32 -3.15 -4.65 1.66
CA HIS A 32 -3.38 -5.79 2.54
C HIS A 32 -2.13 -5.98 3.38
N ILE A 33 -1.89 -7.20 3.81
CA ILE A 33 -0.61 -7.54 4.38
C ILE A 33 0.10 -8.55 3.47
N HIS A 34 -0.44 -8.72 2.25
CA HIS A 34 0.06 -9.73 1.32
C HIS A 34 -0.12 -9.33 -0.14
N CYS A 35 -0.22 -8.03 -0.42
CA CYS A 35 -0.29 -7.57 -1.81
C CYS A 35 1.10 -7.59 -2.44
N LEU A 36 2.10 -7.40 -1.60
CA LEU A 36 3.47 -7.26 -2.05
C LEU A 36 4.25 -8.56 -1.87
N ARG A 37 5.47 -8.57 -2.39
CA ARG A 37 6.34 -9.73 -2.25
C ARG A 37 6.84 -9.89 -0.81
N PRO A 38 7.43 -8.83 -0.19
CA PRO A 38 7.83 -8.87 1.22
C PRO A 38 6.63 -8.70 2.14
N ALA A 39 5.69 -9.63 2.02
CA ALA A 39 4.44 -9.57 2.76
C ALA A 39 4.61 -10.05 4.19
N LEU A 40 3.53 -9.97 4.96
CA LEU A 40 3.53 -10.42 6.34
C LEU A 40 2.31 -11.30 6.59
N TYR A 41 2.28 -11.97 7.73
CA TYR A 41 1.15 -12.80 8.09
C TYR A 41 0.32 -12.09 9.15
N GLU A 42 0.91 -11.07 9.75
CA GLU A 42 0.22 -10.23 10.70
C GLU A 42 0.25 -8.79 10.21
N VAL A 43 -0.51 -7.92 10.86
CA VAL A 43 -0.52 -6.52 10.50
C VAL A 43 0.36 -5.72 11.48
N PRO A 44 1.35 -5.00 10.96
CA PRO A 44 2.30 -4.24 11.78
C PRO A 44 1.61 -3.13 12.57
N ASP A 45 2.22 -2.75 13.69
CA ASP A 45 1.66 -1.73 14.55
C ASP A 45 2.54 -0.48 14.52
N GLY A 46 1.99 0.61 14.01
CA GLY A 46 2.74 1.84 13.94
C GLY A 46 3.12 2.21 12.52
N GLU A 47 4.42 2.21 12.25
CA GLU A 47 4.94 2.57 10.94
C GLU A 47 4.93 1.37 9.99
N TRP A 48 4.76 1.66 8.71
CA TRP A 48 4.82 0.64 7.67
C TRP A 48 5.14 1.28 6.32
N GLN A 49 6.38 1.12 5.88
CA GLN A 49 6.80 1.63 4.59
C GLN A 49 6.48 0.59 3.52
N CYS A 50 5.51 0.91 2.68
CA CYS A 50 5.01 -0.02 1.69
C CYS A 50 6.10 -0.41 0.68
N PRO A 51 6.53 -1.69 0.70
CA PRO A 51 7.56 -2.19 -0.20
C PRO A 51 7.01 -2.46 -1.61
N ARG A 52 6.36 -1.44 -2.16
CA ARG A 52 5.79 -1.51 -3.49
C ARG A 52 5.96 -0.16 -4.16
N CYS A 53 5.37 0.86 -3.55
CA CYS A 53 5.49 2.22 -4.01
C CYS A 53 6.75 2.87 -3.42
N THR A 54 7.84 2.13 -3.47
CA THR A 54 9.10 2.56 -2.89
C THR A 54 9.80 3.61 -3.76
N CYS A 55 9.30 4.82 -3.74
CA CYS A 55 9.90 5.92 -4.48
C CYS A 55 10.61 6.86 -3.51
N PRO A 56 11.95 6.81 -3.49
CA PRO A 56 12.76 7.61 -2.56
C PRO A 56 12.52 9.11 -2.72
N ALA A 57 12.31 9.78 -1.58
CA ALA A 57 12.07 11.22 -1.56
C ALA A 57 10.83 11.59 -2.39
N LEU A 58 9.70 10.97 -2.07
CA LEU A 58 8.45 11.28 -2.75
C LEU A 58 7.91 12.62 -2.30
N LYS A 59 8.27 13.01 -1.09
CA LYS A 59 7.86 14.27 -0.50
C LYS A 59 6.33 14.33 -0.34
N GLY A 60 5.79 13.34 0.35
CA GLY A 60 4.36 13.29 0.58
C GLY A 60 4.03 13.45 2.04
N LYS A 61 4.97 14.00 2.80
CA LYS A 61 4.79 14.22 4.22
C LYS A 61 5.29 15.61 4.58
ZN ZN B . 2.59 3.14 -0.72
ZN ZN C . -4.12 -6.51 -1.59
N GLY A 1 -3.30 20.87 -11.57
CA GLY A 1 -3.70 19.46 -11.72
C GLY A 1 -5.19 19.26 -11.64
N PRO A 2 -5.66 18.29 -10.85
CA PRO A 2 -7.09 18.02 -10.69
C PRO A 2 -7.76 18.98 -9.72
N LEU A 3 -9.08 18.87 -9.62
CA LEU A 3 -9.83 19.68 -8.67
C LEU A 3 -9.72 19.09 -7.27
N GLY A 4 -8.67 19.47 -6.57
CA GLY A 4 -8.39 18.91 -5.27
C GLY A 4 -7.73 17.56 -5.37
N SER A 5 -8.51 16.51 -5.23
CA SER A 5 -8.01 15.15 -5.35
C SER A 5 -8.79 14.37 -6.39
N ASP A 6 -8.07 13.63 -7.23
CA ASP A 6 -8.70 12.81 -8.26
C ASP A 6 -8.23 11.38 -8.12
N HIS A 7 -9.20 10.46 -8.08
CA HIS A 7 -8.92 9.03 -7.95
C HIS A 7 -8.11 8.73 -6.68
N HIS A 8 -8.81 8.56 -5.57
CA HIS A 8 -8.16 8.19 -4.33
C HIS A 8 -7.99 6.68 -4.28
N MET A 9 -6.82 6.25 -3.83
CA MET A 9 -6.51 4.83 -3.78
C MET A 9 -6.83 4.24 -2.41
N GLU A 10 -8.11 4.28 -2.05
CA GLU A 10 -8.59 3.65 -0.81
C GLU A 10 -8.86 2.17 -1.05
N PHE A 11 -7.97 1.55 -1.81
CA PHE A 11 -8.09 0.15 -2.16
C PHE A 11 -6.71 -0.39 -2.54
N CYS A 12 -6.59 -1.71 -2.59
CA CYS A 12 -5.32 -2.35 -2.91
C CYS A 12 -4.85 -2.01 -4.32
N ARG A 13 -3.56 -1.80 -4.47
CA ARG A 13 -3.00 -1.49 -5.77
C ARG A 13 -2.93 -2.73 -6.66
N VAL A 14 -2.88 -3.91 -6.03
CA VAL A 14 -2.79 -5.17 -6.78
C VAL A 14 -4.14 -5.89 -6.77
N CYS A 15 -4.54 -6.33 -5.59
CA CYS A 15 -5.79 -7.05 -5.36
C CYS A 15 -7.03 -6.15 -5.31
N LYS A 16 -6.79 -4.85 -5.47
CA LYS A 16 -7.86 -3.85 -5.70
C LYS A 16 -9.04 -4.01 -4.74
N ASP A 17 -8.81 -4.59 -3.58
CA ASP A 17 -9.88 -4.82 -2.62
C ASP A 17 -9.95 -3.67 -1.62
N GLY A 18 -11.08 -3.53 -0.98
CA GLY A 18 -11.28 -2.47 -0.02
C GLY A 18 -11.69 -3.00 1.33
N GLY A 19 -11.16 -4.14 1.70
CA GLY A 19 -11.49 -4.74 2.99
C GLY A 19 -10.61 -4.19 4.09
N GLU A 20 -9.79 -5.05 4.67
CA GLU A 20 -8.83 -4.63 5.69
C GLU A 20 -7.72 -3.84 5.02
N LEU A 21 -7.73 -2.52 5.20
CA LEU A 21 -6.84 -1.66 4.46
C LEU A 21 -5.71 -1.12 5.32
N LEU A 22 -4.53 -1.67 5.10
CA LEU A 22 -3.31 -1.20 5.73
C LEU A 22 -2.54 -0.34 4.73
N CYS A 23 -2.39 0.94 5.04
CA CYS A 23 -1.88 1.90 4.06
C CYS A 23 -0.51 2.43 4.45
N CYS A 24 0.29 2.78 3.44
CA CYS A 24 1.59 3.40 3.67
C CYS A 24 1.42 4.86 4.09
N ASP A 25 2.49 5.46 4.57
CA ASP A 25 2.44 6.86 4.99
C ASP A 25 2.92 7.77 3.88
N THR A 26 3.72 7.22 2.98
CA THR A 26 4.29 7.99 1.89
C THR A 26 3.29 8.16 0.75
N CYS A 27 2.51 7.12 0.50
CA CYS A 27 1.59 7.11 -0.61
C CYS A 27 0.15 6.95 -0.12
N PRO A 28 -0.82 7.52 -0.86
CA PRO A 28 -2.24 7.46 -0.51
C PRO A 28 -2.90 6.16 -0.98
N SER A 29 -2.15 5.07 -0.92
CA SER A 29 -2.66 3.76 -1.33
C SER A 29 -2.95 2.91 -0.11
N SER A 30 -3.72 1.84 -0.31
CA SER A 30 -4.05 0.93 0.78
C SER A 30 -3.86 -0.51 0.33
N TYR A 31 -3.58 -1.39 1.28
CA TYR A 31 -3.25 -2.78 0.96
C TYR A 31 -3.86 -3.74 1.98
N HIS A 32 -3.54 -5.02 1.78
CA HIS A 32 -3.74 -6.07 2.78
C HIS A 32 -2.55 -6.01 3.73
N ILE A 33 -2.12 -7.16 4.19
CA ILE A 33 -0.83 -7.29 4.84
C ILE A 33 0.07 -8.22 4.03
N HIS A 34 -0.36 -8.54 2.80
CA HIS A 34 0.36 -9.53 2.00
C HIS A 34 0.12 -9.39 0.48
N CYS A 35 -0.25 -8.20 0.02
CA CYS A 35 -0.46 -7.98 -1.41
C CYS A 35 0.86 -7.98 -2.16
N LEU A 36 1.84 -7.30 -1.59
CA LEU A 36 3.14 -7.15 -2.22
C LEU A 36 4.01 -8.37 -1.95
N ARG A 37 5.14 -8.43 -2.65
CA ARG A 37 6.08 -9.54 -2.52
C ARG A 37 6.49 -9.80 -1.05
N PRO A 38 6.96 -8.77 -0.32
CA PRO A 38 7.33 -8.92 1.10
C PRO A 38 6.10 -9.02 2.00
N ALA A 39 5.38 -10.13 1.86
CA ALA A 39 4.13 -10.35 2.59
C ALA A 39 4.39 -10.53 4.08
N LEU A 40 3.50 -9.97 4.89
CA LEU A 40 3.59 -10.08 6.33
C LEU A 40 2.71 -11.20 6.83
N TYR A 41 3.05 -11.74 7.99
CA TYR A 41 2.25 -12.78 8.61
C TYR A 41 1.58 -12.25 9.86
N GLU A 42 1.58 -10.93 9.97
CA GLU A 42 0.93 -10.23 11.06
C GLU A 42 0.51 -8.84 10.59
N VAL A 43 -0.34 -8.19 11.35
CA VAL A 43 -0.80 -6.85 11.00
C VAL A 43 0.03 -5.79 11.71
N PRO A 44 0.86 -5.05 10.95
CA PRO A 44 1.74 -4.02 11.51
C PRO A 44 0.97 -2.80 11.97
N ASP A 45 0.62 -2.77 13.25
CA ASP A 45 -0.16 -1.68 13.82
C ASP A 45 0.76 -0.59 14.36
N GLY A 46 0.86 0.50 13.62
CA GLY A 46 1.71 1.61 14.03
C GLY A 46 2.31 2.34 12.87
N GLU A 47 3.34 1.76 12.27
CA GLU A 47 4.04 2.37 11.15
C GLU A 47 4.36 1.35 10.08
N TRP A 48 3.71 1.46 8.94
CA TRP A 48 3.95 0.54 7.83
C TRP A 48 4.31 1.32 6.57
N GLN A 49 5.22 0.75 5.79
CA GLN A 49 5.64 1.35 4.54
C GLN A 49 5.80 0.27 3.48
N CYS A 50 5.26 0.52 2.29
CA CYS A 50 5.35 -0.42 1.18
C CYS A 50 6.80 -0.45 0.66
N PRO A 51 7.13 -1.42 -0.22
CA PRO A 51 8.43 -1.44 -0.88
C PRO A 51 8.60 -0.17 -1.73
N ARG A 52 7.56 0.11 -2.50
CA ARG A 52 7.46 1.32 -3.29
C ARG A 52 6.14 1.29 -4.04
N CYS A 53 5.11 0.80 -3.35
CA CYS A 53 3.78 0.59 -3.93
C CYS A 53 3.89 -0.12 -5.28
N THR A 54 4.57 -1.26 -5.27
CA THR A 54 4.82 -2.01 -6.48
C THR A 54 3.94 -3.27 -6.54
N CYS A 55 3.11 -3.34 -7.57
CA CYS A 55 2.23 -4.47 -7.78
C CYS A 55 2.90 -5.59 -8.60
N PRO A 56 3.48 -5.27 -9.77
CA PRO A 56 4.13 -6.27 -10.62
C PRO A 56 5.58 -6.52 -10.21
N ALA A 57 5.76 -7.41 -9.26
CA ALA A 57 7.10 -7.79 -8.81
C ALA A 57 7.54 -9.09 -9.46
N LEU A 58 8.84 -9.35 -9.43
CA LEU A 58 9.41 -10.56 -10.04
C LEU A 58 9.25 -10.53 -11.56
N LYS A 59 8.23 -11.23 -12.06
CA LYS A 59 7.96 -11.26 -13.48
C LYS A 59 6.59 -10.66 -13.78
N GLY A 60 5.98 -10.09 -12.76
CA GLY A 60 4.67 -9.49 -12.92
C GLY A 60 3.66 -10.05 -11.95
N LYS A 61 2.43 -9.59 -12.05
CA LYS A 61 1.34 -10.09 -11.22
C LYS A 61 0.03 -10.05 -12.01
ZN ZN B . 2.89 2.87 -0.84
ZN ZN C . -4.42 -6.46 -1.05
N GLY A 1 -1.74 13.89 -5.74
CA GLY A 1 -2.89 12.95 -5.89
C GLY A 1 -2.63 11.91 -6.95
N PRO A 2 -2.34 10.66 -6.56
CA PRO A 2 -1.95 9.60 -7.50
C PRO A 2 -3.12 9.13 -8.36
N LEU A 3 -4.33 9.47 -7.97
CA LEU A 3 -5.51 9.08 -8.73
C LEU A 3 -6.11 10.28 -9.44
N GLY A 4 -5.35 11.37 -9.49
CA GLY A 4 -5.81 12.57 -10.16
C GLY A 4 -6.94 13.25 -9.41
N SER A 5 -8.17 12.86 -9.73
CA SER A 5 -9.35 13.42 -9.09
C SER A 5 -9.47 12.93 -7.65
N ASP A 6 -8.97 11.73 -7.40
CA ASP A 6 -8.99 11.16 -6.06
C ASP A 6 -7.59 11.13 -5.47
N HIS A 7 -7.50 10.98 -4.16
CA HIS A 7 -6.23 10.96 -3.47
C HIS A 7 -5.89 9.55 -3.01
N HIS A 8 -6.69 9.04 -2.08
CA HIS A 8 -6.47 7.71 -1.54
C HIS A 8 -7.27 6.66 -2.31
N MET A 9 -7.04 5.39 -1.99
CA MET A 9 -7.76 4.30 -2.62
C MET A 9 -8.56 3.53 -1.58
N GLU A 10 -9.72 3.05 -1.98
CA GLU A 10 -10.58 2.31 -1.07
C GLU A 10 -10.46 0.81 -1.32
N PHE A 11 -9.32 0.41 -1.85
CA PHE A 11 -9.05 -0.99 -2.16
C PHE A 11 -7.56 -1.19 -2.40
N CYS A 12 -7.10 -2.40 -2.19
CA CYS A 12 -5.70 -2.72 -2.42
C CYS A 12 -5.45 -2.88 -3.90
N ARG A 13 -4.59 -2.04 -4.47
CA ARG A 13 -4.38 -2.00 -5.92
C ARG A 13 -3.85 -3.33 -6.46
N VAL A 14 -3.31 -4.16 -5.59
CA VAL A 14 -2.75 -5.45 -6.00
C VAL A 14 -3.84 -6.40 -6.49
N CYS A 15 -4.95 -6.49 -5.75
CA CYS A 15 -5.99 -7.46 -6.08
C CYS A 15 -7.35 -6.80 -6.29
N LYS A 16 -7.39 -5.48 -6.12
CA LYS A 16 -8.62 -4.69 -6.26
C LYS A 16 -9.58 -4.89 -5.09
N ASP A 17 -9.23 -5.80 -4.18
CA ASP A 17 -10.06 -6.07 -3.01
C ASP A 17 -9.78 -5.07 -1.89
N GLY A 18 -10.81 -4.77 -1.11
CA GLY A 18 -10.65 -3.88 0.02
C GLY A 18 -10.76 -4.63 1.34
N GLY A 19 -11.21 -3.95 2.37
CA GLY A 19 -11.37 -4.58 3.66
C GLY A 19 -10.29 -4.19 4.64
N GLU A 20 -9.44 -5.14 4.99
CA GLU A 20 -8.31 -4.87 5.88
C GLU A 20 -7.18 -4.23 5.07
N LEU A 21 -7.25 -2.93 4.89
CA LEU A 21 -6.34 -2.23 4.02
C LEU A 21 -5.20 -1.60 4.81
N LEU A 22 -4.03 -2.22 4.74
CA LEU A 22 -2.83 -1.64 5.27
C LEU A 22 -2.26 -0.66 4.25
N CYS A 23 -2.27 0.61 4.60
CA CYS A 23 -1.82 1.64 3.69
C CYS A 23 -0.52 2.25 4.18
N CYS A 24 0.32 2.70 3.24
CA CYS A 24 1.58 3.32 3.59
C CYS A 24 1.36 4.60 4.41
N ASP A 25 2.39 5.03 5.11
CA ASP A 25 2.27 6.17 6.01
C ASP A 25 1.96 7.46 5.25
N THR A 26 2.97 8.04 4.66
CA THR A 26 2.84 9.32 3.98
C THR A 26 2.56 9.11 2.48
N CYS A 27 2.35 7.87 2.12
CA CYS A 27 1.97 7.53 0.76
C CYS A 27 0.54 6.98 0.79
N PRO A 28 -0.28 7.44 -0.16
CA PRO A 28 -1.72 7.20 -0.15
C PRO A 28 -2.12 5.96 -0.92
N SER A 29 -1.56 4.82 -0.54
CA SER A 29 -1.84 3.58 -1.23
C SER A 29 -2.25 2.48 -0.26
N SER A 30 -3.39 1.88 -0.52
CA SER A 30 -3.93 0.83 0.34
C SER A 30 -3.57 -0.55 -0.18
N TYR A 31 -3.19 -1.43 0.72
CA TYR A 31 -2.76 -2.77 0.35
C TYR A 31 -3.34 -3.81 1.28
N HIS A 32 -3.08 -5.07 0.96
CA HIS A 32 -3.35 -6.16 1.87
C HIS A 32 -2.01 -6.68 2.36
N ILE A 33 -1.93 -7.06 3.62
CA ILE A 33 -0.67 -7.52 4.20
C ILE A 33 -0.10 -8.71 3.42
N HIS A 34 -0.99 -9.52 2.85
CA HIS A 34 -0.57 -10.69 2.07
C HIS A 34 -0.56 -10.40 0.57
N CYS A 35 -0.92 -9.19 0.19
CA CYS A 35 -0.93 -8.81 -1.23
C CYS A 35 0.37 -8.13 -1.60
N LEU A 36 1.06 -7.59 -0.61
CA LEU A 36 2.37 -7.00 -0.81
C LEU A 36 3.38 -8.08 -1.16
N ARG A 37 4.45 -7.68 -1.84
CA ARG A 37 5.49 -8.62 -2.24
C ARG A 37 6.05 -9.38 -1.04
N PRO A 38 6.58 -8.68 -0.01
CA PRO A 38 7.00 -9.32 1.22
C PRO A 38 5.83 -9.49 2.17
N ALA A 39 4.96 -10.45 1.84
CA ALA A 39 3.71 -10.66 2.55
C ALA A 39 3.89 -10.71 4.06
N LEU A 40 3.11 -9.91 4.76
CA LEU A 40 3.16 -9.86 6.21
C LEU A 40 2.02 -10.68 6.79
N TYR A 41 2.32 -11.43 7.85
CA TYR A 41 1.33 -12.26 8.50
C TYR A 41 0.57 -11.46 9.56
N GLU A 42 1.17 -10.36 9.99
CA GLU A 42 0.56 -9.47 10.95
C GLU A 42 0.60 -8.05 10.43
N VAL A 43 -0.37 -7.24 10.82
CA VAL A 43 -0.44 -5.85 10.38
C VAL A 43 0.66 -5.03 11.06
N PRO A 44 1.56 -4.43 10.27
CA PRO A 44 2.70 -3.66 10.78
C PRO A 44 2.29 -2.54 11.73
N ASP A 45 3.15 -2.26 12.70
CA ASP A 45 2.87 -1.26 13.71
C ASP A 45 3.78 -0.04 13.53
N GLY A 46 3.21 1.14 13.68
CA GLY A 46 3.98 2.36 13.67
C GLY A 46 4.53 2.73 12.31
N GLU A 47 5.83 2.58 12.15
CA GLU A 47 6.51 2.99 10.93
C GLU A 47 6.31 1.96 9.82
N TRP A 48 5.96 2.43 8.64
CA TRP A 48 5.85 1.57 7.48
C TRP A 48 5.83 2.39 6.19
N GLN A 49 6.73 2.05 5.29
CA GLN A 49 6.76 2.65 3.98
C GLN A 49 6.88 1.57 2.92
N CYS A 50 6.37 1.83 1.74
CA CYS A 50 6.28 0.83 0.71
C CYS A 50 7.64 0.42 0.18
N PRO A 51 7.80 -0.86 -0.18
CA PRO A 51 9.05 -1.39 -0.73
C PRO A 51 9.22 -1.02 -2.21
N ARG A 52 8.11 -0.80 -2.89
CA ARG A 52 8.12 -0.41 -4.31
C ARG A 52 6.79 0.20 -4.72
N CYS A 53 6.19 0.97 -3.82
CA CYS A 53 4.90 1.58 -4.10
C CYS A 53 5.02 3.10 -4.11
N THR A 54 5.88 3.62 -3.24
CA THR A 54 6.17 5.05 -3.23
C THR A 54 6.85 5.47 -4.52
N CYS A 55 7.68 4.58 -5.04
CA CYS A 55 8.37 4.80 -6.28
C CYS A 55 8.22 3.59 -7.19
N PRO A 56 7.17 3.58 -8.04
CA PRO A 56 6.86 2.46 -8.92
C PRO A 56 7.81 2.37 -10.12
N ALA A 57 9.09 2.60 -9.87
CA ALA A 57 10.10 2.54 -10.91
C ALA A 57 10.48 1.09 -11.19
N LEU A 58 10.88 0.39 -10.14
CA LEU A 58 11.23 -1.02 -10.26
C LEU A 58 9.99 -1.88 -10.52
N LYS A 59 8.96 -1.65 -9.73
CA LYS A 59 7.72 -2.39 -9.86
C LYS A 59 6.56 -1.57 -9.31
N GLY A 60 5.35 -2.05 -9.54
CA GLY A 60 4.17 -1.36 -9.05
C GLY A 60 2.91 -2.14 -9.36
N LYS A 61 1.95 -1.49 -9.99
CA LYS A 61 0.73 -2.15 -10.42
C LYS A 61 0.84 -2.55 -11.89
ZN ZN B . 2.89 3.43 -0.88
ZN ZN C . -5.41 -7.28 -1.94
N GLY A 1 1.19 9.27 -14.87
CA GLY A 1 1.98 10.44 -15.34
C GLY A 1 2.61 11.19 -14.18
N PRO A 2 2.93 12.48 -14.36
CA PRO A 2 3.53 13.30 -13.30
C PRO A 2 2.68 13.32 -12.03
N LEU A 3 1.41 13.69 -12.19
CA LEU A 3 0.47 13.66 -11.07
C LEU A 3 -0.14 12.27 -10.96
N GLY A 4 0.57 11.38 -10.30
CA GLY A 4 0.13 10.01 -10.18
C GLY A 4 -0.95 9.84 -9.14
N SER A 5 -0.76 10.47 -8.00
CA SER A 5 -1.73 10.42 -6.92
C SER A 5 -2.88 11.40 -7.18
N ASP A 6 -3.69 11.06 -8.17
CA ASP A 6 -4.84 11.88 -8.56
C ASP A 6 -5.88 11.88 -7.45
N HIS A 7 -6.08 10.72 -6.85
CA HIS A 7 -7.02 10.59 -5.74
C HIS A 7 -6.47 9.59 -4.72
N HIS A 8 -6.94 9.69 -3.49
CA HIS A 8 -6.56 8.76 -2.44
C HIS A 8 -7.03 7.36 -2.79
N MET A 9 -6.08 6.45 -2.95
CA MET A 9 -6.41 5.07 -3.27
C MET A 9 -6.65 4.29 -1.99
N GLU A 10 -7.85 4.42 -1.44
CA GLU A 10 -8.22 3.70 -0.23
C GLU A 10 -8.61 2.27 -0.56
N PHE A 11 -7.85 1.66 -1.44
CA PHE A 11 -8.07 0.29 -1.85
C PHE A 11 -6.75 -0.33 -2.31
N CYS A 12 -6.76 -1.64 -2.45
CA CYS A 12 -5.59 -2.38 -2.87
C CYS A 12 -5.30 -2.12 -4.35
N ARG A 13 -4.15 -1.53 -4.63
CA ARG A 13 -3.68 -1.42 -6.00
C ARG A 13 -2.99 -2.72 -6.42
N VAL A 14 -3.30 -3.79 -5.68
CA VAL A 14 -2.75 -5.10 -5.94
C VAL A 14 -3.86 -6.10 -6.27
N CYS A 15 -4.86 -6.17 -5.40
CA CYS A 15 -5.95 -7.13 -5.57
C CYS A 15 -7.28 -6.43 -5.86
N LYS A 16 -7.23 -5.11 -5.90
CA LYS A 16 -8.41 -4.27 -6.18
C LYS A 16 -9.43 -4.32 -5.04
N ASP A 17 -9.04 -4.85 -3.89
CA ASP A 17 -9.96 -4.92 -2.75
C ASP A 17 -10.02 -3.58 -2.03
N GLY A 18 -11.22 -3.17 -1.64
CA GLY A 18 -11.39 -1.92 -0.94
C GLY A 18 -12.15 -2.09 0.36
N GLY A 19 -12.03 -3.28 0.95
CA GLY A 19 -12.72 -3.55 2.20
C GLY A 19 -11.94 -3.10 3.42
N GLU A 20 -11.21 -4.01 4.03
CA GLU A 20 -10.38 -3.70 5.17
C GLU A 20 -8.91 -3.80 4.80
N LEU A 21 -8.22 -2.67 4.80
CA LEU A 21 -6.84 -2.64 4.38
C LEU A 21 -6.01 -1.76 5.29
N LEU A 22 -4.72 -1.71 5.04
CA LEU A 22 -3.81 -0.84 5.76
C LEU A 22 -3.04 0.00 4.74
N CYS A 23 -3.00 1.30 4.96
CA CYS A 23 -2.45 2.21 3.98
C CYS A 23 -0.95 2.43 4.17
N CYS A 24 -0.33 3.06 3.18
CA CYS A 24 1.08 3.37 3.20
C CYS A 24 1.36 4.56 4.11
N ASP A 25 2.61 4.94 4.19
CA ASP A 25 3.01 6.09 4.99
C ASP A 25 3.55 7.20 4.10
N THR A 26 3.79 6.87 2.84
CA THR A 26 4.41 7.83 1.95
C THR A 26 3.60 8.04 0.67
N CYS A 27 2.72 7.09 0.35
CA CYS A 27 1.81 7.27 -0.77
C CYS A 27 0.38 6.99 -0.34
N PRO A 28 -0.61 7.57 -1.03
CA PRO A 28 -2.02 7.41 -0.68
C PRO A 28 -2.61 6.11 -1.21
N SER A 29 -1.99 5.00 -0.84
CA SER A 29 -2.44 3.69 -1.29
C SER A 29 -2.70 2.76 -0.12
N SER A 30 -3.55 1.76 -0.33
CA SER A 30 -3.87 0.80 0.72
C SER A 30 -3.56 -0.62 0.26
N TYR A 31 -3.13 -1.45 1.21
CA TYR A 31 -2.71 -2.81 0.91
C TYR A 31 -3.39 -3.81 1.83
N HIS A 32 -3.20 -5.09 1.51
CA HIS A 32 -3.48 -6.16 2.46
C HIS A 32 -2.14 -6.59 3.03
N ILE A 33 -2.11 -7.35 4.11
CA ILE A 33 -0.85 -7.82 4.66
C ILE A 33 -0.30 -8.97 3.83
N HIS A 34 -1.13 -9.48 2.94
CA HIS A 34 -0.76 -10.57 2.04
C HIS A 34 -0.76 -10.10 0.59
N CYS A 35 -0.85 -8.79 0.38
CA CYS A 35 -0.91 -8.23 -0.96
C CYS A 35 0.36 -7.49 -1.31
N LEU A 36 1.48 -7.93 -0.77
CA LEU A 36 2.77 -7.35 -1.11
C LEU A 36 3.80 -8.45 -1.31
N ARG A 37 4.85 -8.16 -2.06
CA ARG A 37 5.88 -9.15 -2.39
C ARG A 37 6.47 -9.78 -1.13
N PRO A 38 7.06 -8.99 -0.20
CA PRO A 38 7.54 -9.51 1.07
C PRO A 38 6.41 -9.59 2.10
N ALA A 39 5.44 -10.45 1.81
CA ALA A 39 4.23 -10.58 2.62
C ALA A 39 4.54 -10.65 4.12
N LEU A 40 3.74 -9.94 4.89
CA LEU A 40 3.95 -9.90 6.34
C LEU A 40 3.32 -11.12 7.00
N TYR A 41 3.81 -11.46 8.18
CA TYR A 41 3.30 -12.61 8.91
C TYR A 41 2.29 -12.15 9.95
N GLU A 42 2.22 -10.84 10.13
CA GLU A 42 1.25 -10.23 11.02
C GLU A 42 0.81 -8.88 10.46
N VAL A 43 -0.20 -8.30 11.08
CA VAL A 43 -0.67 -6.99 10.66
C VAL A 43 0.12 -5.89 11.34
N PRO A 44 0.81 -5.05 10.55
CA PRO A 44 1.64 -3.96 11.08
C PRO A 44 0.85 -2.99 11.95
N ASP A 45 1.04 -3.12 13.26
CA ASP A 45 0.36 -2.25 14.22
C ASP A 45 1.11 -0.93 14.34
N GLY A 46 0.78 0.01 13.46
CA GLY A 46 1.45 1.28 13.46
C GLY A 46 1.72 1.77 12.05
N GLU A 47 2.84 2.44 11.88
CA GLU A 47 3.20 3.02 10.59
C GLU A 47 3.80 1.94 9.69
N TRP A 48 3.27 1.82 8.49
CA TRP A 48 3.78 0.88 7.51
C TRP A 48 3.98 1.58 6.17
N GLN A 49 4.95 1.13 5.41
CA GLN A 49 5.25 1.73 4.11
C GLN A 49 5.25 0.66 3.03
N CYS A 50 4.61 0.97 1.91
CA CYS A 50 4.49 0.02 0.81
C CYS A 50 5.85 -0.25 0.17
N PRO A 51 6.01 -1.43 -0.45
CA PRO A 51 7.24 -1.81 -1.12
C PRO A 51 7.35 -1.20 -2.51
N ARG A 52 6.46 -0.27 -2.81
CA ARG A 52 6.46 0.39 -4.11
C ARG A 52 6.79 1.88 -3.96
N CYS A 53 7.07 2.30 -2.74
CA CYS A 53 7.47 3.67 -2.48
C CYS A 53 8.99 3.78 -2.59
N THR A 54 9.61 2.69 -3.03
CA THR A 54 11.05 2.62 -3.17
C THR A 54 11.55 3.54 -4.28
N CYS A 55 11.92 4.75 -3.90
CA CYS A 55 12.38 5.75 -4.86
C CYS A 55 13.76 5.36 -5.39
N PRO A 56 13.97 5.51 -6.71
CA PRO A 56 15.25 5.16 -7.34
C PRO A 56 16.38 6.07 -6.90
N ALA A 57 16.01 7.22 -6.37
CA ALA A 57 16.98 8.16 -5.82
C ALA A 57 17.11 7.93 -4.32
N LEU A 58 18.30 8.17 -3.78
CA LEU A 58 18.53 7.97 -2.36
C LEU A 58 17.97 9.14 -1.55
N LYS A 59 16.85 8.91 -0.89
CA LYS A 59 16.20 9.93 -0.09
C LYS A 59 16.51 9.75 1.38
N GLY A 60 16.50 8.50 1.83
CA GLY A 60 16.81 8.21 3.21
C GLY A 60 16.57 6.75 3.55
N LYS A 61 15.36 6.29 3.26
CA LYS A 61 15.02 4.90 3.47
C LYS A 61 14.60 4.26 2.15
ZN ZN B . 3.76 3.80 -0.66
ZN ZN C . -5.48 -6.81 -1.26
N GLY A 1 -13.16 13.33 5.82
CA GLY A 1 -12.15 14.31 6.27
C GLY A 1 -12.02 15.48 5.31
N PRO A 2 -12.54 16.65 5.68
CA PRO A 2 -12.48 17.85 4.83
C PRO A 2 -11.07 18.45 4.77
N LEU A 3 -10.22 17.81 3.99
CA LEU A 3 -8.82 18.22 3.88
C LEU A 3 -8.50 18.68 2.47
N GLY A 4 -9.46 19.35 1.83
CA GLY A 4 -9.28 19.80 0.47
C GLY A 4 -9.49 18.66 -0.50
N SER A 5 -8.41 18.24 -1.15
CA SER A 5 -8.47 17.07 -2.02
C SER A 5 -7.95 15.85 -1.26
N ASP A 6 -6.66 15.87 -0.95
CA ASP A 6 -6.01 14.80 -0.20
C ASP A 6 -6.33 13.43 -0.80
N HIS A 7 -7.17 12.67 -0.10
CA HIS A 7 -7.65 11.37 -0.57
C HIS A 7 -6.52 10.35 -0.69
N HIS A 8 -6.91 9.10 -0.89
CA HIS A 8 -5.97 8.02 -1.03
C HIS A 8 -6.61 6.88 -1.81
N MET A 9 -5.82 5.87 -2.14
CA MET A 9 -6.32 4.71 -2.86
C MET A 9 -7.07 3.78 -1.91
N GLU A 10 -8.39 3.86 -1.92
CA GLU A 10 -9.22 3.08 -1.01
C GLU A 10 -9.40 1.64 -1.51
N PHE A 11 -8.31 1.07 -2.03
CA PHE A 11 -8.31 -0.30 -2.49
C PHE A 11 -6.88 -0.76 -2.77
N CYS A 12 -6.67 -2.06 -2.69
CA CYS A 12 -5.35 -2.65 -2.92
C CYS A 12 -4.85 -2.36 -4.33
N ARG A 13 -3.55 -2.20 -4.47
CA ARG A 13 -2.95 -2.03 -5.79
C ARG A 13 -2.95 -3.35 -6.56
N VAL A 14 -3.14 -4.45 -5.84
CA VAL A 14 -3.20 -5.78 -6.45
C VAL A 14 -4.62 -6.33 -6.39
N CYS A 15 -5.03 -6.75 -5.20
CA CYS A 15 -6.35 -7.31 -4.95
C CYS A 15 -7.48 -6.28 -4.85
N LYS A 16 -7.18 -5.06 -5.27
CA LYS A 16 -8.19 -4.02 -5.54
C LYS A 16 -9.33 -3.98 -4.51
N ASP A 17 -9.03 -4.30 -3.27
CA ASP A 17 -10.07 -4.40 -2.25
C ASP A 17 -9.83 -3.40 -1.14
N GLY A 18 -10.88 -3.16 -0.36
CA GLY A 18 -10.79 -2.26 0.77
C GLY A 18 -11.23 -2.92 2.05
N GLY A 19 -11.52 -2.12 3.07
CA GLY A 19 -11.94 -2.67 4.36
C GLY A 19 -10.90 -2.43 5.43
N GLU A 20 -10.23 -3.48 5.85
CA GLU A 20 -9.11 -3.37 6.78
C GLU A 20 -7.85 -3.04 5.99
N LEU A 21 -7.82 -1.85 5.45
CA LEU A 21 -6.76 -1.46 4.53
C LEU A 21 -5.64 -0.75 5.26
N LEU A 22 -4.42 -1.24 5.04
CA LEU A 22 -3.24 -0.62 5.59
C LEU A 22 -2.62 0.29 4.53
N CYS A 23 -2.58 1.58 4.81
CA CYS A 23 -2.08 2.55 3.84
C CYS A 23 -0.65 2.96 4.15
N CYS A 24 0.05 3.42 3.13
CA CYS A 24 1.42 3.88 3.27
C CYS A 24 1.53 5.05 4.25
N ASP A 25 2.76 5.48 4.44
CA ASP A 25 3.05 6.67 5.21
C ASP A 25 3.55 7.77 4.29
N THR A 26 3.70 7.43 3.01
CA THR A 26 4.21 8.37 2.03
C THR A 26 3.31 8.39 0.79
N CYS A 27 3.05 7.22 0.21
CA CYS A 27 2.15 7.12 -0.92
C CYS A 27 0.71 6.94 -0.42
N PRO A 28 -0.29 7.16 -1.29
CA PRO A 28 -1.69 7.06 -0.90
C PRO A 28 -2.24 5.64 -1.08
N SER A 29 -1.36 4.70 -1.35
CA SER A 29 -1.76 3.32 -1.61
C SER A 29 -2.15 2.60 -0.32
N SER A 30 -3.05 1.63 -0.45
CA SER A 30 -3.48 0.82 0.68
C SER A 30 -3.54 -0.66 0.29
N TYR A 31 -3.32 -1.53 1.27
CA TYR A 31 -3.24 -2.97 1.00
C TYR A 31 -3.88 -3.78 2.12
N HIS A 32 -3.75 -5.10 1.98
CA HIS A 32 -4.03 -6.06 3.04
C HIS A 32 -2.83 -6.04 3.99
N ILE A 33 -2.37 -7.21 4.39
CA ILE A 33 -1.09 -7.34 5.05
C ILE A 33 -0.19 -8.30 4.26
N HIS A 34 -0.62 -8.69 3.06
CA HIS A 34 0.09 -9.72 2.31
C HIS A 34 -0.12 -9.62 0.78
N CYS A 35 -0.61 -8.49 0.29
CA CYS A 35 -0.83 -8.34 -1.15
C CYS A 35 0.48 -8.33 -1.91
N LEU A 36 1.40 -7.52 -1.41
CA LEU A 36 2.70 -7.31 -2.05
C LEU A 36 3.54 -8.59 -2.04
N ARG A 37 4.62 -8.56 -2.81
CA ARG A 37 5.56 -9.68 -2.89
C ARG A 37 6.17 -10.00 -1.52
N PRO A 38 6.76 -9.01 -0.81
CA PRO A 38 7.27 -9.22 0.54
C PRO A 38 6.14 -9.19 1.57
N ALA A 39 5.26 -10.18 1.47
CA ALA A 39 4.07 -10.25 2.30
C ALA A 39 4.41 -10.39 3.78
N LEU A 40 3.58 -9.81 4.62
CA LEU A 40 3.73 -9.95 6.05
C LEU A 40 2.90 -11.12 6.53
N TYR A 41 3.40 -11.80 7.55
CA TYR A 41 2.68 -12.92 8.13
C TYR A 41 2.14 -12.53 9.48
N GLU A 42 2.43 -11.29 9.86
CA GLU A 42 1.92 -10.71 11.07
C GLU A 42 1.25 -9.38 10.75
N VAL A 43 0.26 -9.01 11.56
CA VAL A 43 -0.47 -7.77 11.35
C VAL A 43 0.30 -6.59 11.93
N PRO A 44 0.72 -5.66 11.07
CA PRO A 44 1.55 -4.52 11.47
C PRO A 44 0.75 -3.45 12.19
N ASP A 45 0.95 -3.34 13.49
CA ASP A 45 0.29 -2.33 14.29
C ASP A 45 1.16 -1.08 14.34
N GLY A 46 0.54 0.09 14.24
CA GLY A 46 1.28 1.32 14.23
C GLY A 46 1.40 1.91 12.84
N GLU A 47 2.59 2.32 12.48
CA GLU A 47 2.84 2.90 11.15
C GLU A 47 3.06 1.80 10.12
N TRP A 48 2.89 2.14 8.85
CA TRP A 48 3.10 1.20 7.76
C TRP A 48 3.25 1.96 6.45
N GLN A 49 3.82 1.30 5.44
CA GLN A 49 3.99 1.88 4.13
C GLN A 49 4.31 0.80 3.10
N CYS A 50 3.94 1.02 1.84
CA CYS A 50 4.14 0.03 0.79
C CYS A 50 5.62 -0.32 0.59
N PRO A 51 5.91 -1.36 -0.22
CA PRO A 51 7.28 -1.68 -0.62
C PRO A 51 7.62 -1.01 -1.94
N ARG A 52 6.69 -0.16 -2.40
CA ARG A 52 6.79 0.47 -3.71
C ARG A 52 7.29 1.90 -3.61
N CYS A 53 7.35 2.43 -2.40
CA CYS A 53 7.85 3.76 -2.17
C CYS A 53 9.35 3.81 -2.42
N THR A 54 10.02 2.73 -2.04
CA THR A 54 11.44 2.58 -2.27
C THR A 54 11.75 1.20 -2.83
N CYS A 55 11.80 0.21 -1.94
CA CYS A 55 12.07 -1.17 -2.31
C CYS A 55 11.93 -2.04 -1.05
N PRO A 56 11.98 -3.38 -1.17
CA PRO A 56 11.90 -4.27 -0.01
C PRO A 56 13.10 -4.12 0.93
N ALA A 57 14.11 -3.40 0.44
CA ALA A 57 15.27 -3.07 1.26
C ALA A 57 15.28 -1.57 1.56
N LEU A 58 16.41 -1.06 2.06
CA LEU A 58 16.55 0.37 2.38
C LEU A 58 15.56 0.79 3.46
N LYS A 59 15.45 -0.02 4.51
CA LYS A 59 14.57 0.28 5.62
C LYS A 59 15.34 0.20 6.93
N GLY A 60 16.58 0.63 6.89
CA GLY A 60 17.46 0.55 8.05
C GLY A 60 18.81 -0.02 7.66
N LYS A 61 18.76 -0.99 6.74
CA LYS A 61 19.97 -1.56 6.16
C LYS A 61 19.70 -1.93 4.72
ZN ZN B . 4.34 3.78 -0.08
ZN ZN C . -4.86 -6.76 -0.78
N GLY A 1 -7.62 11.67 -17.13
CA GLY A 1 -7.88 10.31 -17.63
C GLY A 1 -8.52 9.42 -16.57
N PRO A 2 -7.72 8.62 -15.86
CA PRO A 2 -8.22 7.74 -14.80
C PRO A 2 -8.62 8.52 -13.55
N LEU A 3 -9.91 8.55 -13.26
CA LEU A 3 -10.42 9.29 -12.12
C LEU A 3 -11.02 8.35 -11.09
N GLY A 4 -11.19 8.84 -9.88
CA GLY A 4 -11.73 8.03 -8.81
C GLY A 4 -10.66 7.51 -7.88
N SER A 5 -10.02 6.42 -8.28
CA SER A 5 -8.95 5.83 -7.48
C SER A 5 -7.72 5.58 -8.34
N ASP A 6 -7.10 6.64 -8.82
CA ASP A 6 -5.87 6.53 -9.59
C ASP A 6 -4.70 6.96 -8.73
N HIS A 7 -4.83 8.13 -8.12
CA HIS A 7 -3.86 8.59 -7.15
C HIS A 7 -4.46 8.50 -5.75
N HIS A 8 -3.71 7.89 -4.84
CA HIS A 8 -4.18 7.64 -3.47
C HIS A 8 -5.36 6.68 -3.48
N MET A 9 -5.07 5.42 -3.79
CA MET A 9 -6.09 4.38 -3.80
C MET A 9 -6.52 4.03 -2.39
N GLU A 10 -7.82 4.00 -2.16
CA GLU A 10 -8.36 3.58 -0.86
C GLU A 10 -8.60 2.08 -0.88
N PHE A 11 -8.25 1.48 -2.01
CA PHE A 11 -8.31 0.04 -2.16
C PHE A 11 -6.94 -0.47 -2.60
N CYS A 12 -6.76 -1.78 -2.62
CA CYS A 12 -5.49 -2.34 -3.00
C CYS A 12 -5.25 -2.21 -4.48
N ARG A 13 -4.11 -1.65 -4.83
CA ARG A 13 -3.69 -1.57 -6.23
C ARG A 13 -3.42 -2.97 -6.77
N VAL A 14 -3.30 -3.93 -5.86
CA VAL A 14 -2.99 -5.31 -6.23
C VAL A 14 -4.24 -6.20 -6.18
N CYS A 15 -4.74 -6.47 -4.97
CA CYS A 15 -5.84 -7.41 -4.79
C CYS A 15 -7.19 -6.80 -5.13
N LYS A 16 -7.21 -5.46 -5.29
CA LYS A 16 -8.42 -4.71 -5.63
C LYS A 16 -9.36 -4.56 -4.43
N ASP A 17 -9.01 -5.19 -3.31
CA ASP A 17 -9.81 -5.07 -2.10
C ASP A 17 -9.30 -3.92 -1.25
N GLY A 18 -10.22 -3.13 -0.72
CA GLY A 18 -9.83 -2.00 0.10
C GLY A 18 -10.91 -1.58 1.07
N GLY A 19 -11.02 -0.29 1.31
CA GLY A 19 -11.98 0.21 2.27
C GLY A 19 -11.32 0.72 3.52
N GLU A 20 -11.55 0.03 4.63
CA GLU A 20 -10.89 0.36 5.89
C GLU A 20 -9.80 -0.66 6.19
N LEU A 21 -8.65 -0.48 5.56
CA LEU A 21 -7.58 -1.45 5.63
C LEU A 21 -6.23 -0.76 5.87
N LEU A 22 -5.16 -1.54 5.87
CA LEU A 22 -3.81 -1.01 6.03
C LEU A 22 -3.40 -0.22 4.79
N CYS A 23 -2.61 0.83 4.97
CA CYS A 23 -2.24 1.69 3.87
C CYS A 23 -0.93 2.40 4.18
N CYS A 24 -0.14 2.69 3.14
CA CYS A 24 1.09 3.44 3.30
C CYS A 24 0.76 4.84 3.86
N ASP A 25 1.52 5.25 4.87
CA ASP A 25 1.25 6.52 5.53
C ASP A 25 2.03 7.65 4.87
N THR A 26 3.19 7.29 4.32
CA THR A 26 4.05 8.24 3.67
C THR A 26 4.00 8.03 2.15
N CYS A 27 3.07 7.20 1.73
CA CYS A 27 2.82 6.94 0.34
C CYS A 27 1.32 6.75 0.12
N PRO A 28 0.80 7.21 -1.02
CA PRO A 28 -0.65 7.24 -1.25
C PRO A 28 -1.21 5.95 -1.84
N SER A 29 -1.29 4.90 -1.02
CA SER A 29 -1.85 3.62 -1.44
C SER A 29 -2.45 2.87 -0.25
N SER A 30 -3.12 1.75 -0.53
CA SER A 30 -3.67 0.88 0.51
C SER A 30 -3.34 -0.59 0.20
N TYR A 31 -3.10 -1.38 1.24
CA TYR A 31 -2.68 -2.78 1.07
C TYR A 31 -3.24 -3.69 2.16
N HIS A 32 -3.07 -4.99 1.96
CA HIS A 32 -3.31 -5.97 3.00
C HIS A 32 -1.99 -6.67 3.29
N ILE A 33 -1.97 -7.55 4.28
CA ILE A 33 -0.77 -8.35 4.55
C ILE A 33 -0.69 -9.53 3.60
N HIS A 34 -0.58 -9.21 2.31
CA HIS A 34 -0.58 -10.22 1.25
C HIS A 34 -0.37 -9.57 -0.10
N CYS A 35 -1.01 -8.43 -0.29
CA CYS A 35 -1.07 -7.76 -1.57
C CYS A 35 0.20 -6.97 -1.89
N LEU A 36 1.34 -7.57 -1.56
CA LEU A 36 2.64 -7.02 -1.92
C LEU A 36 3.66 -8.14 -1.95
N ARG A 37 4.78 -7.90 -2.62
CA ARG A 37 5.80 -8.94 -2.80
C ARG A 37 6.36 -9.42 -1.46
N PRO A 38 6.94 -8.53 -0.63
CA PRO A 38 7.44 -8.91 0.69
C PRO A 38 6.32 -8.96 1.72
N ALA A 39 5.32 -9.80 1.43
CA ALA A 39 4.13 -9.90 2.27
C ALA A 39 4.48 -10.37 3.68
N LEU A 40 3.83 -9.79 4.67
CA LEU A 40 4.06 -10.15 6.05
C LEU A 40 2.89 -10.98 6.57
N TYR A 41 3.09 -11.60 7.73
CA TYR A 41 2.03 -12.36 8.37
C TYR A 41 1.38 -11.52 9.46
N GLU A 42 2.14 -10.56 9.98
CA GLU A 42 1.64 -9.67 11.00
C GLU A 42 1.27 -8.32 10.39
N VAL A 43 0.11 -7.80 10.79
CA VAL A 43 -0.40 -6.54 10.29
C VAL A 43 0.35 -5.37 10.91
N PRO A 44 0.93 -4.49 10.08
CA PRO A 44 1.68 -3.32 10.54
C PRO A 44 0.77 -2.21 11.07
N ASP A 45 1.37 -1.18 11.62
CA ASP A 45 0.63 -0.04 12.17
C ASP A 45 0.20 0.91 11.07
N GLY A 46 -0.45 2.00 11.45
CA GLY A 46 -0.88 3.01 10.49
C GLY A 46 0.29 3.68 9.83
N GLU A 47 1.33 3.97 10.60
CA GLU A 47 2.56 4.53 10.08
C GLU A 47 3.37 3.45 9.37
N TRP A 48 3.05 3.22 8.12
CA TRP A 48 3.65 2.14 7.37
C TRP A 48 4.16 2.62 6.03
N GLN A 49 5.28 2.05 5.61
CA GLN A 49 5.85 2.33 4.30
C GLN A 49 5.93 1.04 3.51
N CYS A 50 5.33 1.05 2.33
CA CYS A 50 5.31 -0.12 1.47
C CYS A 50 6.72 -0.46 0.99
N PRO A 51 6.93 -1.65 0.41
CA PRO A 51 8.20 -2.01 -0.22
C PRO A 51 8.63 -0.92 -1.20
N ARG A 52 7.68 -0.58 -2.07
CA ARG A 52 7.77 0.57 -2.96
C ARG A 52 6.54 0.59 -3.83
N CYS A 53 5.41 0.17 -3.22
CA CYS A 53 4.14 0.02 -3.92
C CYS A 53 4.34 -0.69 -5.25
N THR A 54 4.99 -1.84 -5.17
CA THR A 54 5.40 -2.59 -6.34
C THR A 54 4.26 -3.42 -6.92
N CYS A 55 3.24 -2.76 -7.44
CA CYS A 55 2.14 -3.46 -8.11
C CYS A 55 2.63 -4.13 -9.40
N PRO A 56 3.30 -3.39 -10.31
CA PRO A 56 3.90 -3.95 -11.51
C PRO A 56 5.28 -4.54 -11.21
N ALA A 57 5.33 -5.42 -10.22
CA ALA A 57 6.59 -6.00 -9.76
C ALA A 57 7.14 -7.01 -10.76
N LEU A 58 6.27 -7.61 -11.55
CA LEU A 58 6.70 -8.59 -12.54
C LEU A 58 7.34 -7.90 -13.73
N LYS A 59 8.58 -7.49 -13.56
CA LYS A 59 9.30 -6.75 -14.58
C LYS A 59 10.76 -7.21 -14.66
N GLY A 60 11.22 -7.89 -13.62
CA GLY A 60 12.61 -8.31 -13.57
C GLY A 60 13.53 -7.15 -13.28
N LYS A 61 14.15 -6.63 -14.31
CA LYS A 61 14.96 -5.43 -14.20
C LYS A 61 14.67 -4.52 -15.38
ZN ZN B . 2.75 2.69 -1.12
ZN ZN C . -5.42 -6.22 -0.53
N GLY A 1 8.84 6.70 -15.34
CA GLY A 1 8.03 5.98 -14.35
C GLY A 1 7.19 6.93 -13.51
N PRO A 2 5.86 6.82 -13.59
CA PRO A 2 4.94 7.71 -12.87
C PRO A 2 4.95 7.48 -11.36
N LEU A 3 5.48 8.46 -10.64
CA LEU A 3 5.48 8.42 -9.19
C LEU A 3 4.08 8.68 -8.67
N GLY A 4 3.35 9.54 -9.38
CA GLY A 4 1.96 9.80 -9.06
C GLY A 4 1.05 8.81 -9.73
N SER A 5 1.15 7.56 -9.31
CA SER A 5 0.42 6.47 -9.95
C SER A 5 -1.06 6.52 -9.58
N ASP A 6 -1.36 6.45 -8.30
CA ASP A 6 -2.74 6.52 -7.83
C ASP A 6 -2.81 7.20 -6.47
N HIS A 7 -3.09 8.50 -6.50
CA HIS A 7 -3.11 9.31 -5.28
C HIS A 7 -4.39 9.08 -4.50
N HIS A 8 -4.32 9.29 -3.18
CA HIS A 8 -5.45 9.09 -2.27
C HIS A 8 -5.79 7.62 -2.11
N MET A 9 -6.28 7.01 -3.19
CA MET A 9 -6.59 5.59 -3.24
C MET A 9 -7.68 5.22 -2.25
N GLU A 10 -7.88 3.92 -2.06
CA GLU A 10 -8.89 3.41 -1.14
C GLU A 10 -8.87 1.88 -1.13
N PHE A 11 -8.57 1.29 -2.27
CA PHE A 11 -8.62 -0.16 -2.42
C PHE A 11 -7.25 -0.72 -2.81
N CYS A 12 -7.08 -2.03 -2.64
CA CYS A 12 -5.83 -2.71 -2.98
C CYS A 12 -5.53 -2.61 -4.47
N ARG A 13 -4.26 -2.51 -4.81
CA ARG A 13 -3.84 -2.41 -6.21
C ARG A 13 -4.05 -3.73 -6.96
N VAL A 14 -4.09 -4.84 -6.22
CA VAL A 14 -4.24 -6.17 -6.82
C VAL A 14 -5.60 -6.78 -6.45
N CYS A 15 -5.77 -7.04 -5.17
CA CYS A 15 -7.00 -7.61 -4.62
C CYS A 15 -8.14 -6.60 -4.44
N LYS A 16 -7.90 -5.38 -4.93
CA LYS A 16 -8.96 -4.35 -5.09
C LYS A 16 -9.93 -4.28 -3.92
N ASP A 17 -9.46 -4.57 -2.73
CA ASP A 17 -10.31 -4.55 -1.54
C ASP A 17 -10.14 -3.25 -0.78
N GLY A 18 -11.18 -2.86 -0.06
CA GLY A 18 -11.11 -1.63 0.72
C GLY A 18 -11.66 -1.83 2.12
N GLY A 19 -11.76 -0.75 2.88
CA GLY A 19 -12.27 -0.83 4.24
C GLY A 19 -11.16 -1.04 5.25
N GLU A 20 -11.12 -2.23 5.83
CA GLU A 20 -10.09 -2.57 6.81
C GLU A 20 -8.80 -2.98 6.12
N LEU A 21 -8.16 -2.03 5.48
CA LEU A 21 -6.91 -2.27 4.78
C LEU A 21 -5.88 -1.22 5.15
N LEU A 22 -4.62 -1.49 4.84
CA LEU A 22 -3.53 -0.62 5.26
C LEU A 22 -3.04 0.26 4.11
N CYS A 23 -2.63 1.46 4.45
CA CYS A 23 -2.03 2.38 3.49
C CYS A 23 -0.63 2.76 3.94
N CYS A 24 0.24 3.04 2.97
CA CYS A 24 1.63 3.36 3.26
C CYS A 24 1.73 4.59 4.17
N ASP A 25 2.90 4.74 4.79
CA ASP A 25 3.15 5.89 5.66
C ASP A 25 3.41 7.14 4.84
N THR A 26 4.08 6.95 3.70
CA THR A 26 4.42 8.06 2.84
C THR A 26 3.48 8.15 1.64
N CYS A 27 3.13 7.01 1.09
CA CYS A 27 2.35 6.96 -0.13
C CYS A 27 0.92 6.48 0.14
N PRO A 28 0.01 6.69 -0.81
CA PRO A 28 -1.40 6.34 -0.64
C PRO A 28 -1.72 4.92 -1.08
N SER A 29 -0.69 4.17 -1.48
CA SER A 29 -0.87 2.79 -1.90
C SER A 29 -1.49 1.97 -0.78
N SER A 30 -2.63 1.38 -1.07
CA SER A 30 -3.39 0.65 -0.06
C SER A 30 -3.39 -0.84 -0.34
N TYR A 31 -3.19 -1.64 0.71
CA TYR A 31 -3.13 -3.10 0.58
C TYR A 31 -3.77 -3.79 1.78
N HIS A 32 -3.68 -5.11 1.79
CA HIS A 32 -4.01 -5.93 2.95
C HIS A 32 -2.80 -5.88 3.90
N ILE A 33 -2.16 -7.02 4.07
CA ILE A 33 -0.88 -7.08 4.78
C ILE A 33 0.12 -7.94 4.01
N HIS A 34 -0.21 -8.31 2.77
CA HIS A 34 0.60 -9.25 2.01
C HIS A 34 0.43 -9.12 0.50
N CYS A 35 -0.10 -7.99 0.06
CA CYS A 35 -0.39 -7.79 -1.37
C CYS A 35 0.84 -7.26 -2.10
N LEU A 36 1.91 -7.07 -1.36
CA LEU A 36 3.14 -6.50 -1.88
C LEU A 36 4.28 -7.51 -1.78
N ARG A 37 5.48 -7.08 -2.15
CA ARG A 37 6.66 -7.96 -2.12
C ARG A 37 6.91 -8.50 -0.71
N PRO A 38 7.18 -7.64 0.29
CA PRO A 38 7.37 -8.08 1.67
C PRO A 38 6.05 -8.34 2.38
N ALA A 39 5.63 -9.60 2.36
CA ALA A 39 4.38 -9.99 3.00
C ALA A 39 4.59 -10.20 4.49
N LEU A 40 3.58 -9.83 5.27
CA LEU A 40 3.66 -9.96 6.72
C LEU A 40 2.93 -11.20 7.18
N TYR A 41 3.17 -11.60 8.42
CA TYR A 41 2.52 -12.77 8.99
C TYR A 41 1.22 -12.36 9.68
N GLU A 42 1.28 -11.23 10.37
CA GLU A 42 0.12 -10.68 11.05
C GLU A 42 -0.04 -9.21 10.71
N VAL A 43 -1.14 -8.61 11.15
CA VAL A 43 -1.35 -7.18 10.98
C VAL A 43 -0.26 -6.41 11.72
N PRO A 44 0.45 -5.51 11.02
CA PRO A 44 1.58 -4.77 11.57
C PRO A 44 1.23 -4.03 12.86
N ASP A 45 2.18 -4.02 13.78
CA ASP A 45 2.00 -3.32 15.05
C ASP A 45 2.84 -2.06 15.07
N GLY A 46 4.04 -2.14 14.49
CA GLY A 46 4.92 -0.99 14.46
C GLY A 46 4.71 -0.15 13.23
N GLU A 47 5.54 -0.37 12.22
CA GLU A 47 5.47 0.42 10.99
C GLU A 47 5.10 -0.45 9.80
N TRP A 48 4.74 0.21 8.71
CA TRP A 48 4.43 -0.47 7.46
C TRP A 48 4.57 0.49 6.29
N GLN A 49 5.17 0.02 5.21
CA GLN A 49 5.38 0.84 4.03
C GLN A 49 5.07 0.04 2.77
N CYS A 50 4.50 0.71 1.78
CA CYS A 50 4.18 0.08 0.51
C CYS A 50 5.46 -0.19 -0.28
N PRO A 51 5.38 -0.99 -1.36
CA PRO A 51 6.55 -1.30 -2.18
C PRO A 51 6.78 -0.28 -3.28
N ARG A 52 5.99 0.79 -3.27
CA ARG A 52 6.04 1.80 -4.32
C ARG A 52 7.07 2.87 -4.01
N CYS A 53 7.51 2.94 -2.75
CA CYS A 53 8.48 3.93 -2.35
C CYS A 53 9.89 3.33 -2.34
N THR A 54 9.93 2.01 -2.36
CA THR A 54 11.18 1.28 -2.26
C THR A 54 11.91 1.17 -3.60
N CYS A 55 11.14 1.17 -4.69
CA CYS A 55 11.73 1.08 -6.02
C CYS A 55 12.49 2.35 -6.39
N PRO A 56 11.88 3.55 -6.28
CA PRO A 56 12.58 4.80 -6.54
C PRO A 56 13.56 5.14 -5.43
N ALA A 57 14.67 5.79 -5.79
CA ALA A 57 15.68 6.18 -4.80
C ALA A 57 15.15 7.30 -3.91
N LEU A 58 15.93 7.69 -2.92
CA LEU A 58 15.54 8.77 -2.01
C LEU A 58 15.69 10.11 -2.70
N LYS A 59 14.85 10.32 -3.70
CA LYS A 59 14.85 11.52 -4.52
C LYS A 59 13.72 11.41 -5.56
N GLY A 60 13.47 10.17 -5.97
CA GLY A 60 12.46 9.92 -6.97
C GLY A 60 12.97 8.98 -8.03
N LYS A 61 12.37 9.03 -9.20
CA LYS A 61 12.80 8.22 -10.33
C LYS A 61 12.52 8.95 -11.64
ZN ZN B . 5.08 3.71 0.03
ZN ZN C . -4.87 -6.73 -0.71
N GLY A 1 -15.58 12.03 5.02
CA GLY A 1 -15.85 12.35 6.43
C GLY A 1 -14.63 12.10 7.30
N PRO A 2 -14.80 12.10 8.64
CA PRO A 2 -13.69 11.90 9.57
C PRO A 2 -13.03 10.54 9.40
N LEU A 3 -13.82 9.48 9.44
CA LEU A 3 -13.31 8.13 9.27
C LEU A 3 -13.12 7.83 7.79
N GLY A 4 -14.15 8.08 7.00
CA GLY A 4 -14.06 7.88 5.57
C GLY A 4 -13.26 8.96 4.90
N SER A 5 -12.00 8.68 4.62
CA SER A 5 -11.11 9.66 4.00
C SER A 5 -10.79 9.26 2.57
N ASP A 6 -11.01 10.18 1.64
CA ASP A 6 -10.74 9.93 0.23
C ASP A 6 -9.24 9.74 0.00
N HIS A 7 -8.87 8.63 -0.60
CA HIS A 7 -7.48 8.31 -0.84
C HIS A 7 -7.24 7.98 -2.30
N HIS A 8 -6.06 8.33 -2.80
CA HIS A 8 -5.70 8.09 -4.20
C HIS A 8 -5.79 6.60 -4.52
N MET A 9 -5.40 5.78 -3.57
CA MET A 9 -5.53 4.34 -3.69
C MET A 9 -6.24 3.78 -2.48
N GLU A 10 -7.55 4.01 -2.40
CA GLU A 10 -8.34 3.57 -1.27
C GLU A 10 -8.64 2.08 -1.35
N PHE A 11 -8.05 1.42 -2.34
CA PHE A 11 -8.25 0.01 -2.55
C PHE A 11 -6.93 -0.66 -2.88
N CYS A 12 -6.87 -1.97 -2.75
CA CYS A 12 -5.67 -2.73 -3.05
C CYS A 12 -5.33 -2.63 -4.52
N ARG A 13 -4.08 -2.33 -4.81
CA ARG A 13 -3.63 -2.21 -6.20
C ARG A 13 -3.82 -3.52 -6.98
N VAL A 14 -3.75 -4.65 -6.28
CA VAL A 14 -3.89 -5.96 -6.91
C VAL A 14 -5.26 -6.57 -6.64
N CYS A 15 -5.49 -6.89 -5.37
CA CYS A 15 -6.71 -7.53 -4.89
C CYS A 15 -7.92 -6.59 -4.74
N LYS A 16 -7.72 -5.34 -5.15
CA LYS A 16 -8.82 -4.37 -5.36
C LYS A 16 -9.80 -4.27 -4.19
N ASP A 17 -9.42 -4.73 -3.01
CA ASP A 17 -10.29 -4.63 -1.85
C ASP A 17 -10.16 -3.26 -1.20
N GLY A 18 -11.19 -2.84 -0.50
CA GLY A 18 -11.17 -1.54 0.14
C GLY A 18 -11.66 -1.58 1.56
N GLY A 19 -11.98 -0.42 2.11
CA GLY A 19 -12.46 -0.34 3.48
C GLY A 19 -11.36 -0.12 4.49
N GLU A 20 -11.13 -1.13 5.30
CA GLU A 20 -10.05 -1.08 6.29
C GLU A 20 -8.83 -1.80 5.74
N LEU A 21 -7.83 -1.03 5.33
CA LEU A 21 -6.64 -1.62 4.73
C LEU A 21 -5.39 -1.22 5.49
N LEU A 22 -4.27 -1.80 5.09
CA LEU A 22 -2.97 -1.41 5.58
C LEU A 22 -2.29 -0.54 4.53
N CYS A 23 -2.26 0.75 4.80
CA CYS A 23 -1.79 1.71 3.80
C CYS A 23 -0.40 2.22 4.15
N CYS A 24 0.27 2.83 3.16
CA CYS A 24 1.60 3.38 3.35
C CYS A 24 1.54 4.61 4.26
N ASP A 25 2.68 5.23 4.45
CA ASP A 25 2.77 6.45 5.25
C ASP A 25 3.03 7.65 4.35
N THR A 26 3.90 7.46 3.36
CA THR A 26 4.27 8.52 2.46
C THR A 26 3.38 8.53 1.22
N CYS A 27 2.86 7.37 0.88
CA CYS A 27 2.01 7.24 -0.30
C CYS A 27 0.62 6.75 0.09
N PRO A 28 -0.39 7.04 -0.73
CA PRO A 28 -1.78 6.71 -0.42
C PRO A 28 -2.16 5.30 -0.86
N SER A 29 -1.16 4.42 -0.93
CA SER A 29 -1.37 3.05 -1.35
C SER A 29 -1.94 2.20 -0.23
N SER A 30 -3.02 1.47 -0.51
CA SER A 30 -3.64 0.61 0.49
C SER A 30 -3.61 -0.85 0.07
N TYR A 31 -3.35 -1.73 1.04
CA TYR A 31 -3.24 -3.16 0.76
C TYR A 31 -3.86 -3.99 1.89
N HIS A 32 -3.71 -5.29 1.79
CA HIS A 32 -4.00 -6.23 2.88
C HIS A 32 -2.79 -6.23 3.80
N ILE A 33 -2.22 -7.43 4.00
CA ILE A 33 -0.93 -7.56 4.66
C ILE A 33 -0.05 -8.53 3.89
N HIS A 34 -0.44 -8.84 2.64
CA HIS A 34 0.23 -9.88 1.86
C HIS A 34 0.10 -9.67 0.35
N CYS A 35 -0.31 -8.47 -0.06
CA CYS A 35 -0.56 -8.21 -1.47
C CYS A 35 0.76 -7.96 -2.20
N LEU A 36 1.74 -7.51 -1.45
CA LEU A 36 3.05 -7.18 -1.99
C LEU A 36 4.01 -8.36 -1.83
N ARG A 37 5.23 -8.20 -2.31
CA ARG A 37 6.25 -9.23 -2.21
C ARG A 37 6.61 -9.53 -0.75
N PRO A 38 6.99 -8.51 0.06
CA PRO A 38 7.30 -8.70 1.48
C PRO A 38 6.04 -8.88 2.31
N ALA A 39 5.37 -10.02 2.12
CA ALA A 39 4.13 -10.33 2.82
C ALA A 39 4.39 -10.54 4.31
N LEU A 40 3.44 -10.12 5.12
CA LEU A 40 3.56 -10.25 6.56
C LEU A 40 2.62 -11.32 7.08
N TYR A 41 2.84 -11.75 8.31
CA TYR A 41 1.99 -12.75 8.93
C TYR A 41 0.90 -12.08 9.75
N GLU A 42 1.15 -10.84 10.14
CA GLU A 42 0.19 -10.06 10.89
C GLU A 42 0.22 -8.61 10.43
N VAL A 43 -0.71 -7.81 10.93
CA VAL A 43 -0.74 -6.39 10.61
C VAL A 43 0.31 -5.65 11.43
N PRO A 44 1.28 -5.00 10.75
CA PRO A 44 2.34 -4.25 11.41
C PRO A 44 1.81 -3.17 12.36
N ASP A 45 2.53 -2.93 13.43
CA ASP A 45 2.10 -1.96 14.43
C ASP A 45 2.48 -0.55 14.03
N GLY A 46 1.66 0.07 13.18
CA GLY A 46 1.90 1.44 12.77
C GLY A 46 3.01 1.58 11.74
N GLU A 47 4.22 1.21 12.14
CA GLU A 47 5.39 1.35 11.29
C GLU A 47 5.30 0.42 10.08
N TRP A 48 5.12 1.03 8.91
CA TRP A 48 5.02 0.30 7.64
C TRP A 48 4.93 1.28 6.49
N GLN A 49 5.50 0.90 5.35
CA GLN A 49 5.44 1.70 4.14
C GLN A 49 5.27 0.81 2.93
N CYS A 50 4.55 1.31 1.92
CA CYS A 50 4.25 0.53 0.73
C CYS A 50 5.53 0.25 -0.08
N PRO A 51 5.53 -0.82 -0.89
CA PRO A 51 6.72 -1.22 -1.64
C PRO A 51 6.92 -0.41 -2.93
N ARG A 52 6.35 0.78 -2.97
CA ARG A 52 6.44 1.61 -4.17
C ARG A 52 7.31 2.85 -3.95
N CYS A 53 7.47 3.24 -2.69
CA CYS A 53 8.34 4.37 -2.36
C CYS A 53 9.77 3.88 -2.26
N THR A 54 9.92 2.62 -1.90
CA THR A 54 11.21 1.99 -1.76
C THR A 54 11.91 1.88 -3.12
N CYS A 55 13.13 2.38 -3.17
CA CYS A 55 13.96 2.25 -4.36
C CYS A 55 15.13 1.33 -4.04
N PRO A 56 14.99 0.03 -4.33
CA PRO A 56 15.99 -0.98 -3.96
C PRO A 56 17.30 -0.78 -4.71
N ALA A 57 18.38 -1.18 -4.07
CA ALA A 57 19.70 -1.11 -4.68
C ALA A 57 19.89 -2.28 -5.65
N LEU A 58 21.11 -2.45 -6.14
CA LEU A 58 21.41 -3.56 -7.04
C LEU A 58 21.63 -4.84 -6.24
N LYS A 59 20.55 -5.56 -5.99
CA LYS A 59 20.56 -6.78 -5.18
C LYS A 59 20.86 -6.48 -3.72
N GLY A 60 22.10 -6.14 -3.42
CA GLY A 60 22.47 -5.80 -2.07
C GLY A 60 23.54 -4.72 -2.05
N LYS A 61 23.30 -3.68 -1.29
CA LYS A 61 24.23 -2.57 -1.18
C LYS A 61 23.88 -1.74 0.05
ZN ZN B . 4.84 4.16 -0.05
ZN ZN C . -4.74 -6.74 -0.89
N GLY A 1 -0.70 17.28 -1.48
CA GLY A 1 0.42 17.71 -2.34
C GLY A 1 0.39 17.01 -3.69
N PRO A 2 1.50 17.02 -4.44
CA PRO A 2 1.57 16.37 -5.75
C PRO A 2 1.47 14.85 -5.65
N LEU A 3 2.22 14.28 -4.70
CA LEU A 3 2.24 12.85 -4.42
C LEU A 3 2.92 12.05 -5.54
N GLY A 4 2.40 12.17 -6.74
CA GLY A 4 2.88 11.37 -7.84
C GLY A 4 2.03 10.14 -8.02
N SER A 5 1.04 10.25 -8.92
CA SER A 5 0.01 9.23 -9.07
C SER A 5 -0.82 9.16 -7.80
N ASP A 6 -1.33 10.31 -7.39
CA ASP A 6 -2.08 10.43 -6.15
C ASP A 6 -3.42 9.73 -6.27
N HIS A 7 -3.47 8.50 -5.79
CA HIS A 7 -4.67 7.70 -5.89
C HIS A 7 -5.13 7.24 -4.52
N HIS A 8 -6.17 7.89 -4.02
CA HIS A 8 -6.77 7.53 -2.75
C HIS A 8 -7.47 6.19 -2.89
N MET A 9 -6.86 5.15 -2.32
CA MET A 9 -7.34 3.81 -2.53
C MET A 9 -8.31 3.38 -1.44
N GLU A 10 -9.53 3.07 -1.85
CA GLU A 10 -10.53 2.53 -0.94
C GLU A 10 -10.39 1.01 -0.90
N PHE A 11 -9.79 0.47 -1.95
CA PHE A 11 -9.44 -0.94 -2.00
C PHE A 11 -7.93 -1.05 -2.10
N CYS A 12 -7.44 -2.25 -2.32
CA CYS A 12 -6.01 -2.48 -2.37
C CYS A 12 -5.48 -2.33 -3.79
N ARG A 13 -4.19 -2.06 -3.91
CA ARG A 13 -3.57 -1.80 -5.21
C ARG A 13 -3.49 -3.06 -6.08
N VAL A 14 -2.89 -4.12 -5.55
CA VAL A 14 -2.65 -5.33 -6.33
C VAL A 14 -3.92 -6.16 -6.48
N CYS A 15 -4.37 -6.76 -5.39
CA CYS A 15 -5.59 -7.53 -5.38
C CYS A 15 -6.77 -6.68 -4.93
N LYS A 16 -7.12 -5.73 -5.79
CA LYS A 16 -8.13 -4.68 -5.57
C LYS A 16 -9.34 -5.16 -4.80
N ASP A 17 -9.14 -5.32 -3.52
CA ASP A 17 -10.14 -5.86 -2.63
C ASP A 17 -9.91 -5.38 -1.21
N GLY A 18 -10.80 -5.76 -0.31
CA GLY A 18 -10.67 -5.41 1.09
C GLY A 18 -11.70 -4.40 1.54
N GLY A 19 -12.09 -4.50 2.81
CA GLY A 19 -13.02 -3.54 3.38
C GLY A 19 -12.28 -2.39 4.02
N GLU A 20 -11.41 -2.73 4.96
CA GLU A 20 -10.50 -1.76 5.54
C GLU A 20 -9.07 -2.20 5.29
N LEU A 21 -8.35 -1.40 4.52
CA LEU A 21 -6.99 -1.74 4.12
C LEU A 21 -5.98 -0.94 4.93
N LEU A 22 -4.71 -1.11 4.62
CA LEU A 22 -3.66 -0.38 5.28
C LEU A 22 -2.99 0.58 4.29
N CYS A 23 -2.68 1.78 4.76
CA CYS A 23 -2.03 2.78 3.92
C CYS A 23 -0.61 3.00 4.41
N CYS A 24 0.29 3.38 3.49
CA CYS A 24 1.68 3.54 3.85
C CYS A 24 1.92 4.83 4.63
N ASP A 25 3.19 5.17 4.80
CA ASP A 25 3.59 6.36 5.54
C ASP A 25 3.81 7.53 4.59
N THR A 26 3.79 7.25 3.30
CA THR A 26 4.08 8.26 2.30
C THR A 26 2.90 8.52 1.38
N CYS A 27 2.33 7.44 0.84
CA CYS A 27 1.30 7.55 -0.18
C CYS A 27 -0.07 7.15 0.36
N PRO A 28 -1.16 7.56 -0.33
CA PRO A 28 -2.53 7.23 0.07
C PRO A 28 -2.98 5.87 -0.47
N SER A 29 -2.01 5.03 -0.76
CA SER A 29 -2.25 3.70 -1.29
C SER A 29 -2.76 2.78 -0.18
N SER A 30 -3.53 1.78 -0.56
CA SER A 30 -4.05 0.83 0.41
C SER A 30 -3.74 -0.60 -0.02
N TYR A 31 -3.31 -1.41 0.92
CA TYR A 31 -2.92 -2.78 0.64
C TYR A 31 -3.56 -3.74 1.63
N HIS A 32 -3.43 -5.03 1.34
CA HIS A 32 -3.77 -6.08 2.27
C HIS A 32 -2.55 -6.34 3.14
N ILE A 33 -2.19 -7.60 3.31
CA ILE A 33 -0.94 -7.95 3.95
C ILE A 33 -0.12 -8.90 3.09
N HIS A 34 -0.59 -9.12 1.85
CA HIS A 34 0.03 -10.11 0.96
C HIS A 34 0.03 -9.64 -0.50
N CYS A 35 -0.33 -8.39 -0.75
CA CYS A 35 -0.35 -7.86 -2.10
C CYS A 35 1.08 -7.67 -2.61
N LEU A 36 1.96 -7.33 -1.69
CA LEU A 36 3.38 -7.14 -2.00
C LEU A 36 4.11 -8.48 -1.92
N ARG A 37 5.35 -8.50 -2.38
CA ARG A 37 6.16 -9.72 -2.34
C ARG A 37 6.50 -10.11 -0.89
N PRO A 38 7.03 -9.18 -0.06
CA PRO A 38 7.34 -9.47 1.34
C PRO A 38 6.07 -9.49 2.19
N ALA A 39 5.27 -10.54 2.02
CA ALA A 39 4.00 -10.68 2.73
C ALA A 39 4.23 -10.72 4.24
N LEU A 40 3.41 -9.98 4.97
CA LEU A 40 3.54 -9.90 6.42
C LEU A 40 2.64 -10.94 7.09
N TYR A 41 3.00 -11.36 8.29
CA TYR A 41 2.22 -12.34 9.01
C TYR A 41 1.04 -11.67 9.69
N GLU A 42 1.30 -10.48 10.22
CA GLU A 42 0.26 -9.67 10.84
C GLU A 42 0.17 -8.32 10.13
N VAL A 43 -0.96 -7.65 10.27
CA VAL A 43 -1.15 -6.35 9.66
C VAL A 43 -0.18 -5.33 10.26
N PRO A 44 0.58 -4.63 9.39
CA PRO A 44 1.56 -3.64 9.85
C PRO A 44 0.89 -2.33 10.23
N ASP A 45 0.06 -2.40 11.26
CA ASP A 45 -0.71 -1.26 11.73
C ASP A 45 0.17 -0.32 12.54
N GLY A 46 0.39 0.87 12.00
CA GLY A 46 1.25 1.83 12.64
C GLY A 46 2.37 2.29 11.74
N GLU A 47 3.60 2.02 12.14
CA GLU A 47 4.77 2.38 11.37
C GLU A 47 5.02 1.37 10.25
N TRP A 48 5.05 1.87 9.02
CA TRP A 48 5.26 1.02 7.86
C TRP A 48 5.48 1.87 6.61
N GLN A 49 6.52 1.55 5.85
CA GLN A 49 6.76 2.19 4.59
C GLN A 49 6.71 1.16 3.47
N CYS A 50 6.28 1.59 2.30
CA CYS A 50 5.99 0.68 1.21
C CYS A 50 7.24 0.08 0.59
N PRO A 51 7.19 -1.24 0.39
CA PRO A 51 8.16 -1.94 -0.43
C PRO A 51 7.73 -1.92 -1.90
N ARG A 52 6.73 -1.09 -2.18
CA ARG A 52 6.14 -1.02 -3.52
C ARG A 52 6.14 0.40 -4.07
N CYS A 53 5.29 1.27 -3.50
CA CYS A 53 5.17 2.63 -4.01
C CYS A 53 6.25 3.53 -3.42
N THR A 54 7.47 3.04 -3.44
CA THR A 54 8.61 3.82 -3.01
C THR A 54 9.24 4.54 -4.21
N CYS A 55 8.33 5.00 -5.09
CA CYS A 55 8.64 5.68 -6.37
C CYS A 55 8.28 4.77 -7.56
N PRO A 56 8.97 3.61 -7.76
CA PRO A 56 8.63 2.69 -8.85
C PRO A 56 7.51 1.72 -8.45
N ALA A 57 6.33 2.28 -8.20
CA ALA A 57 5.17 1.48 -7.80
C ALA A 57 4.86 0.40 -8.83
N LEU A 58 4.79 0.81 -10.09
CA LEU A 58 4.56 -0.12 -11.18
C LEU A 58 5.20 0.40 -12.46
N LYS A 59 4.61 1.44 -13.02
CA LYS A 59 5.14 2.07 -14.21
C LYS A 59 4.98 3.59 -14.10
N GLY A 60 6.05 4.26 -13.71
CA GLY A 60 6.01 5.69 -13.55
C GLY A 60 5.92 6.43 -14.87
N LYS A 61 4.86 7.22 -15.03
CA LYS A 61 4.66 7.99 -16.24
C LYS A 61 3.81 9.21 -15.92
ZN ZN B . 3.27 3.84 -0.54
ZN ZN C . -4.42 -6.86 -1.84
N GLY A 1 -13.48 16.51 -4.93
CA GLY A 1 -13.71 16.04 -6.32
C GLY A 1 -13.32 14.60 -6.49
N PRO A 2 -13.32 14.08 -7.73
CA PRO A 2 -12.97 12.68 -8.02
C PRO A 2 -11.53 12.38 -7.65
N LEU A 3 -11.33 11.78 -6.48
CA LEU A 3 -10.02 11.46 -5.99
C LEU A 3 -9.60 10.07 -6.45
N GLY A 4 -8.31 9.86 -6.59
CA GLY A 4 -7.81 8.58 -7.06
C GLY A 4 -7.52 8.59 -8.54
N SER A 5 -7.06 9.74 -9.02
CA SER A 5 -6.79 9.92 -10.44
C SER A 5 -5.61 9.07 -10.90
N ASP A 6 -4.41 9.43 -10.49
CA ASP A 6 -3.22 8.69 -10.89
C ASP A 6 -2.37 8.31 -9.68
N HIS A 7 -2.25 9.22 -8.73
CA HIS A 7 -1.47 8.95 -7.53
C HIS A 7 -2.36 8.94 -6.30
N HIS A 8 -3.21 7.92 -6.22
CA HIS A 8 -4.11 7.75 -5.08
C HIS A 8 -4.89 6.47 -5.25
N MET A 9 -4.56 5.47 -4.44
CA MET A 9 -5.21 4.17 -4.51
C MET A 9 -5.72 3.76 -3.14
N GLU A 10 -6.96 4.10 -2.84
CA GLU A 10 -7.57 3.74 -1.56
C GLU A 10 -8.11 2.31 -1.60
N PHE A 11 -7.32 1.43 -2.22
CA PHE A 11 -7.66 0.02 -2.34
C PHE A 11 -6.41 -0.74 -2.78
N CYS A 12 -6.47 -2.06 -2.70
CA CYS A 12 -5.32 -2.89 -3.02
C CYS A 12 -4.90 -2.74 -4.49
N ARG A 13 -3.60 -2.67 -4.71
CA ARG A 13 -3.08 -2.56 -6.06
C ARG A 13 -3.32 -3.86 -6.85
N VAL A 14 -3.31 -4.99 -6.16
CA VAL A 14 -3.51 -6.29 -6.78
C VAL A 14 -4.95 -6.77 -6.61
N CYS A 15 -5.31 -7.06 -5.37
CA CYS A 15 -6.62 -7.55 -5.00
C CYS A 15 -7.70 -6.47 -4.93
N LYS A 16 -7.34 -5.25 -5.36
CA LYS A 16 -8.30 -4.15 -5.59
C LYS A 16 -9.41 -4.09 -4.54
N ASP A 17 -9.08 -4.40 -3.30
CA ASP A 17 -10.10 -4.50 -2.26
C ASP A 17 -9.93 -3.43 -1.21
N GLY A 18 -10.90 -3.36 -0.30
CA GLY A 18 -10.84 -2.42 0.80
C GLY A 18 -11.22 -3.08 2.11
N GLY A 19 -11.58 -2.27 3.11
CA GLY A 19 -11.97 -2.81 4.40
C GLY A 19 -10.81 -2.82 5.37
N GLU A 20 -10.28 -4.01 5.63
CA GLU A 20 -9.09 -4.16 6.45
C GLU A 20 -7.85 -3.81 5.63
N LEU A 21 -7.72 -2.53 5.33
CA LEU A 21 -6.69 -2.05 4.44
C LEU A 21 -5.62 -1.27 5.18
N LEU A 22 -4.37 -1.45 4.77
CA LEU A 22 -3.26 -0.72 5.34
C LEU A 22 -2.69 0.24 4.31
N CYS A 23 -2.41 1.46 4.74
CA CYS A 23 -1.87 2.49 3.87
C CYS A 23 -0.56 3.02 4.42
N CYS A 24 0.38 3.29 3.53
CA CYS A 24 1.71 3.75 3.92
C CYS A 24 1.66 5.15 4.51
N ASP A 25 2.77 5.55 5.09
CA ASP A 25 2.93 6.90 5.61
C ASP A 25 3.52 7.79 4.53
N THR A 26 3.97 7.17 3.46
CA THR A 26 4.74 7.86 2.46
C THR A 26 3.96 8.11 1.17
N CYS A 27 3.11 7.17 0.76
CA CYS A 27 2.33 7.35 -0.45
C CYS A 27 0.89 6.87 -0.25
N PRO A 28 -0.04 7.38 -1.06
CA PRO A 28 -1.46 7.11 -0.90
C PRO A 28 -1.90 5.81 -1.58
N SER A 29 -1.32 4.70 -1.15
CA SER A 29 -1.70 3.39 -1.65
C SER A 29 -2.19 2.53 -0.49
N SER A 30 -2.83 1.40 -0.79
CA SER A 30 -3.40 0.55 0.25
C SER A 30 -3.34 -0.93 -0.12
N TYR A 31 -3.24 -1.78 0.90
CA TYR A 31 -3.14 -3.23 0.72
C TYR A 31 -3.84 -3.98 1.86
N HIS A 32 -3.77 -5.31 1.79
CA HIS A 32 -4.12 -6.20 2.90
C HIS A 32 -2.94 -6.19 3.87
N ILE A 33 -2.34 -7.36 4.04
CA ILE A 33 -1.07 -7.49 4.74
C ILE A 33 -0.14 -8.44 3.99
N HIS A 34 -0.47 -8.72 2.72
CA HIS A 34 0.27 -9.73 1.95
C HIS A 34 0.04 -9.59 0.44
N CYS A 35 -0.32 -8.40 -0.01
CA CYS A 35 -0.59 -8.18 -1.43
C CYS A 35 0.70 -7.77 -2.14
N LEU A 36 1.65 -7.30 -1.36
CA LEU A 36 2.90 -6.78 -1.87
C LEU A 36 4.00 -7.84 -1.80
N ARG A 37 5.21 -7.39 -1.48
CA ARG A 37 6.36 -8.27 -1.30
C ARG A 37 6.09 -9.29 -0.17
N PRO A 38 7.04 -10.25 0.08
CA PRO A 38 6.92 -11.30 1.09
C PRO A 38 5.91 -11.03 2.19
N ALA A 39 4.81 -11.77 2.12
CA ALA A 39 3.65 -11.59 2.99
C ALA A 39 4.02 -11.41 4.46
N LEU A 40 3.34 -10.49 5.12
CA LEU A 40 3.53 -10.27 6.54
C LEU A 40 2.73 -11.30 7.33
N TYR A 41 3.37 -11.96 8.27
CA TYR A 41 2.73 -13.01 9.04
C TYR A 41 1.82 -12.42 10.11
N GLU A 42 2.07 -11.17 10.44
CA GLU A 42 1.20 -10.42 11.34
C GLU A 42 0.80 -9.12 10.68
N VAL A 43 -0.36 -8.60 11.04
CA VAL A 43 -0.82 -7.33 10.50
C VAL A 43 0.09 -6.19 10.94
N PRO A 44 0.70 -5.47 10.00
CA PRO A 44 1.67 -4.42 10.30
C PRO A 44 1.07 -3.31 11.14
N ASP A 45 1.78 -2.96 12.21
CA ASP A 45 1.32 -1.93 13.13
C ASP A 45 2.38 -0.84 13.28
N GLY A 46 1.96 0.41 13.18
CA GLY A 46 2.89 1.51 13.24
C GLY A 46 3.10 2.14 11.87
N GLU A 47 4.26 2.74 11.68
CA GLU A 47 4.59 3.38 10.40
C GLU A 47 4.96 2.35 9.36
N TRP A 48 3.97 1.88 8.63
CA TRP A 48 4.18 0.91 7.56
C TRP A 48 4.24 1.63 6.22
N GLN A 49 5.01 1.11 5.29
CA GLN A 49 5.17 1.72 3.97
C GLN A 49 5.14 0.66 2.88
N CYS A 50 4.44 0.93 1.79
CA CYS A 50 4.36 0.01 0.66
C CYS A 50 5.60 0.15 -0.23
N PRO A 51 5.82 -0.79 -1.15
CA PRO A 51 6.99 -0.77 -2.02
C PRO A 51 6.84 0.19 -3.20
N ARG A 52 5.85 1.06 -3.14
CA ARG A 52 5.57 1.95 -4.26
C ARG A 52 5.84 3.42 -3.91
N CYS A 53 5.87 3.77 -2.62
CA CYS A 53 6.17 5.13 -2.26
C CYS A 53 7.65 5.42 -2.52
N THR A 54 8.49 4.59 -1.92
CA THR A 54 9.94 4.64 -2.12
C THR A 54 10.48 6.07 -1.95
N CYS A 55 10.32 6.61 -0.76
CA CYS A 55 10.83 7.93 -0.43
C CYS A 55 12.26 7.82 0.07
N PRO A 56 13.22 8.38 -0.68
CA PRO A 56 14.64 8.32 -0.33
C PRO A 56 15.04 9.36 0.70
N ALA A 57 14.21 9.47 1.76
CA ALA A 57 14.45 10.44 2.82
C ALA A 57 14.62 11.84 2.27
N LEU A 58 13.54 12.39 1.75
CA LEU A 58 13.58 13.73 1.14
C LEU A 58 13.91 14.79 2.18
N LYS A 59 13.46 14.58 3.41
CA LYS A 59 13.74 15.48 4.50
C LYS A 59 14.28 14.73 5.70
N GLY A 60 13.56 13.69 6.13
CA GLY A 60 13.99 12.90 7.26
C GLY A 60 13.22 11.61 7.37
N LYS A 61 13.88 10.50 7.07
CA LYS A 61 13.26 9.18 7.17
C LYS A 61 14.18 8.23 7.93
ZN ZN B . 3.12 3.47 -0.56
ZN ZN C . -4.92 -6.94 -0.84
#